data_3MJ9
#
_entry.id   3MJ9
#
_cell.length_a   125.020
_cell.length_b   125.020
_cell.length_c   107.839
_cell.angle_alpha   90.00
_cell.angle_beta   90.00
_cell.angle_gamma   90.00
#
_symmetry.space_group_name_H-M   'P 43 21 2'
#
loop_
_entity.id
_entity.type
_entity.pdbx_description
1 polymer 'Junctional adhesion molecule-like'
2 polymer 'STIMULATORY HAMSTER ANTIBODY HL4E10 FAB LIGHT CHAIN'
3 polymer 'STIMULATORY HAMSTER ANTIBODY HL4E10 FAB HEAVY CHAIN'
4 branched alpha-D-mannopyranose-(1-3)-[alpha-D-mannopyranose-(1-6)]beta-D-mannopyranose-(1-4)-2-acetamido-2-deoxy-beta-D-glucopyranose-(1-4)-[alpha-L-fucopyranose-(1-6)]2-acetamido-2-deoxy-beta-D-glucopyranose
5 non-polymer 2-acetamido-2-deoxy-beta-D-glucopyranose
#
loop_
_entity_poly.entity_id
_entity_poly.type
_entity_poly.pdbx_seq_one_letter_code
_entity_poly.pdbx_strand_id
1 'polypeptide(L)'
;RSQGLPGLTVSSPQLRVHVGESVLMGCVVQRTEEKHVDRVDWLFSKDKDDASEYVLFYYSNLSVPTGRFQNRSHLVGDTF
HNDGSLLLQDVQKADEGIYTCEIRLKNESMVMKKPVELWVLPEEPRDLRVRVGDTTQMRCSIQSTEEKRVTKVNWMFSSG
SHTEEETVLSYDSNMRSGKFQSLGRFRNRVDLTGDISRNDGSIKLQTVKESDQGIYTCSIYVGKLESRKTIVLHVVQDEF
QRTISPTPPTDKGQQGILNGNQHHHHHH
;
A
2 'polypeptide(L)'
;SYTLTQPPLVSVALGQKATITCSGDKLSDVYVHWYQQKAGQAPVLVIYEDNRRPSGIPDHFSGSNSGNMATLTISKAQAG
DEADYYCQSWDGTNSAWVFGSGTKVTVLGQPNAAPSVTLFPPSSEELKTNQATLVCMINGFYPADVAVTWEADGTPITQG
VKTTQPSKSDSKYMATSYLTMTADAWKSRNTFICKVTHGGNTVEKSLSPSACS
;
L
3 'polypeptide(L)'
;QVQLKESGPGLLQPSQTLSLTCTVSGISLSDYGVHWVRQAPGKGLEWMGIIGHAGGTDYNSNLKSRVSISRDTSKSQVFL
KLNSLQQEDTAMYFCARHFYTYFDVWGQGIQVTVSSATTTAPSVYPLAPACDSTTSTTNTVTLGCLVKGYFPEPVTVSWN
SGALTSGVHTFPSVLHSGLYSLSSSVTVPSSTWPSQTVTCNVAHPASSTKVDKKIVPGDGSGC
;
H
#
loop_
_chem_comp.id
_chem_comp.type
_chem_comp.name
_chem_comp.formula
BMA D-saccharide, beta linking beta-D-mannopyranose 'C6 H12 O6'
FUC L-saccharide, alpha linking alpha-L-fucopyranose 'C6 H12 O5'
MAN D-saccharide, alpha linking alpha-D-mannopyranose 'C6 H12 O6'
NAG D-saccharide, beta linking 2-acetamido-2-deoxy-beta-D-glucopyranose 'C8 H15 N O6'
#
# COMPACT_ATOMS: atom_id res chain seq x y z
N VAL A 10 19.90 23.14 3.94
CA VAL A 10 21.17 23.30 3.17
C VAL A 10 20.88 23.44 1.68
N SER A 11 19.62 23.22 1.32
CA SER A 11 19.16 23.36 -0.06
C SER A 11 17.65 23.51 -0.12
N SER A 12 17.23 24.70 -0.49
CA SER A 12 15.82 25.10 -0.37
C SER A 12 14.93 24.52 -1.46
N PRO A 13 13.99 23.65 -1.09
CA PRO A 13 13.02 23.34 -2.11
C PRO A 13 12.59 24.61 -2.81
N GLN A 14 12.48 24.50 -4.12
CA GLN A 14 12.17 25.64 -4.97
C GLN A 14 10.83 25.49 -5.65
N LEU A 15 10.09 26.59 -5.69
CA LEU A 15 8.72 26.55 -6.22
C LEU A 15 8.40 27.74 -7.10
N ARG A 16 8.19 27.44 -8.39
CA ARG A 16 7.86 28.46 -9.38
C ARG A 16 6.41 28.44 -9.75
N VAL A 17 5.75 29.57 -9.53
CA VAL A 17 4.35 29.73 -9.89
C VAL A 17 4.13 31.04 -10.59
N HIS A 18 3.14 31.03 -11.47
CA HIS A 18 2.74 32.25 -12.18
C HIS A 18 1.98 33.16 -11.25
N VAL A 19 2.13 34.45 -11.49
CA VAL A 19 1.34 35.46 -10.78
C VAL A 19 -0.12 35.08 -10.87
N GLY A 20 -0.79 35.15 -9.72
CA GLY A 20 -2.22 34.94 -9.63
C GLY A 20 -2.59 33.53 -9.21
N GLU A 21 -1.62 32.62 -9.31
CA GLU A 21 -1.87 31.21 -8.98
C GLU A 21 -1.74 30.93 -7.49
N SER A 22 -2.06 29.69 -7.13
CA SER A 22 -2.05 29.25 -5.74
C SER A 22 -0.90 28.30 -5.48
N VAL A 23 -0.30 28.48 -4.31
CA VAL A 23 0.73 27.57 -3.82
C VAL A 23 0.33 26.98 -2.50
N LEU A 24 0.61 25.70 -2.35
CA LEU A 24 0.50 25.04 -1.07
C LEU A 24 1.89 24.64 -0.63
N MET A 25 2.23 25.04 0.59
CA MET A 25 3.56 24.81 1.13
C MET A 25 3.47 23.92 2.35
N GLY A 26 3.85 22.67 2.13
CA GLY A 26 3.73 21.62 3.13
C GLY A 26 4.44 21.91 4.43
N CYS A 27 3.87 21.38 5.49
CA CYS A 27 4.51 21.40 6.80
C CYS A 27 3.92 20.34 7.70
N VAL A 28 4.44 19.14 7.57
CA VAL A 28 3.95 18.02 8.35
C VAL A 28 5.07 17.29 9.05
N VAL A 29 4.91 17.19 10.37
CA VAL A 29 5.55 16.14 11.14
C VAL A 29 4.68 14.92 10.92
N GLN A 30 5.29 13.75 10.98
CA GLN A 30 4.58 12.51 10.67
C GLN A 30 3.15 12.54 11.21
N ARG A 31 2.20 12.49 10.29
CA ARG A 31 0.78 12.46 10.64
C ARG A 31 0.48 11.29 11.55
N THR A 32 0.09 11.60 12.78
CA THR A 32 -0.43 10.60 13.70
C THR A 32 -1.80 11.03 14.21
N GLU A 33 -2.46 10.10 14.89
CA GLU A 33 -3.78 10.35 15.46
C GLU A 33 -3.62 11.01 16.81
N GLU A 34 -2.47 11.65 16.97
CA GLU A 34 -2.11 12.31 18.22
C GLU A 34 -1.55 13.69 17.96
N LYS A 35 -2.32 14.69 18.37
CA LYS A 35 -1.90 16.08 18.22
C LYS A 35 -0.72 16.37 19.12
N HIS A 36 0.45 16.53 18.50
CA HIS A 36 1.66 16.89 19.22
C HIS A 36 2.12 18.29 18.88
N VAL A 37 1.44 18.88 17.91
CA VAL A 37 1.73 20.25 17.47
C VAL A 37 1.19 21.28 18.44
N ASP A 38 2.10 22.05 19.01
CA ASP A 38 1.74 23.07 20.01
C ASP A 38 1.49 24.40 19.31
N ARG A 39 2.49 24.81 18.56
CA ARG A 39 2.40 25.99 17.72
C ARG A 39 2.87 25.73 16.30
N VAL A 40 2.30 26.49 15.38
CA VAL A 40 2.76 26.53 13.99
C VAL A 40 2.98 27.95 13.55
N ASP A 41 4.19 28.23 13.11
CA ASP A 41 4.56 29.56 12.64
C ASP A 41 5.07 29.53 11.22
N TRP A 42 4.50 30.39 10.39
CA TRP A 42 4.98 30.60 9.03
C TRP A 42 5.56 32.00 8.88
N LEU A 43 6.83 32.04 8.51
CA LEU A 43 7.53 33.31 8.32
C LEU A 43 7.91 33.53 6.86
N PHE A 44 7.89 34.79 6.48
CA PHE A 44 8.28 35.20 5.13
C PHE A 44 9.44 36.16 5.15
N SER A 45 10.36 35.96 4.23
CA SER A 45 11.50 36.85 4.06
C SER A 45 11.87 37.00 2.59
N LYS A 46 12.34 38.19 2.23
CA LYS A 46 12.66 38.50 0.83
C LYS A 46 14.02 37.93 0.47
N ASP A 47 14.96 38.23 1.35
CA ASP A 47 16.28 37.62 1.34
C ASP A 47 16.63 37.17 2.75
N LYS A 48 17.91 37.06 3.00
CA LYS A 48 18.42 37.08 4.36
C LYS A 48 18.92 38.49 4.54
N ASP A 49 19.66 38.71 5.61
CA ASP A 49 20.17 40.05 5.92
C ASP A 49 19.03 41.04 6.13
N ASP A 50 17.81 40.51 6.02
CA ASP A 50 16.60 41.32 6.02
C ASP A 50 15.48 40.69 6.83
N ALA A 51 14.65 41.56 7.39
CA ALA A 51 13.60 41.16 8.32
C ALA A 51 12.61 40.18 7.74
N SER A 52 12.01 39.42 8.64
CA SER A 52 10.94 38.50 8.29
C SER A 52 9.61 39.00 8.84
N GLU A 53 8.55 38.53 8.20
CA GLU A 53 7.20 38.84 8.65
C GLU A 53 6.34 37.58 8.67
N TYR A 54 5.45 37.51 9.64
CA TYR A 54 4.53 36.36 9.77
C TYR A 54 3.48 36.35 8.68
N VAL A 55 3.44 35.26 7.95
CA VAL A 55 2.35 35.01 7.02
C VAL A 55 1.16 34.62 7.85
N LEU A 56 1.43 33.73 8.80
CA LEU A 56 0.40 33.09 9.59
C LEU A 56 0.99 32.36 10.76
N PHE A 57 0.35 32.49 11.92
CA PHE A 57 0.73 31.68 13.08
C PHE A 57 -0.47 31.07 13.75
N TYR A 58 -0.24 29.88 14.28
CA TYR A 58 -1.30 29.05 14.86
C TYR A 58 -0.94 28.59 16.25
N TYR A 59 -1.92 28.66 17.13
CA TYR A 59 -1.80 28.09 18.47
C TYR A 59 -3.15 27.83 19.09
N SER A 60 -3.24 26.74 19.82
CA SER A 60 -4.43 26.39 20.58
C SER A 60 -5.68 26.48 19.72
N ASN A 61 -5.64 25.75 18.63
CA ASN A 61 -6.76 25.65 17.70
C ASN A 61 -7.36 26.99 17.32
N LEU A 62 -6.47 27.92 17.00
CA LEU A 62 -6.85 29.17 16.37
C LEU A 62 -5.69 29.80 15.61
N SER A 63 -5.89 29.97 14.32
CA SER A 63 -4.84 30.50 13.45
C SER A 63 -5.08 31.95 13.13
N VAL A 64 -3.98 32.66 12.97
CA VAL A 64 -3.99 34.07 12.67
C VAL A 64 -3.30 34.31 11.34
N PRO A 65 -4.09 34.48 10.26
CA PRO A 65 -3.47 34.95 9.03
C PRO A 65 -3.20 36.41 9.18
N THR A 66 -2.04 36.85 8.70
CA THR A 66 -1.63 38.24 8.88
C THR A 66 -0.88 38.84 7.73
N GLY A 67 -0.67 40.15 7.85
CA GLY A 67 0.00 40.95 6.84
C GLY A 67 -0.79 41.05 5.55
N ARG A 68 -0.06 41.01 4.45
CA ARG A 68 -0.66 41.04 3.11
C ARG A 68 -1.30 39.70 2.81
N PHE A 69 -0.81 38.70 3.54
CA PHE A 69 -1.27 37.31 3.39
C PHE A 69 -2.55 37.07 4.16
N GLN A 70 -3.07 38.14 4.74
CA GLN A 70 -4.24 38.04 5.64
C GLN A 70 -5.39 37.33 4.94
N ASN A 71 -5.75 37.90 3.80
CA ASN A 71 -6.88 37.46 2.97
C ASN A 71 -6.61 36.21 2.14
N ARG A 72 -5.34 35.88 2.00
CA ARG A 72 -4.92 34.88 1.01
C ARG A 72 -4.27 33.62 1.59
N SER A 73 -3.93 33.67 2.87
CA SER A 73 -3.25 32.55 3.53
C SER A 73 -4.23 31.74 4.36
N HIS A 74 -4.06 30.43 4.27
CA HIS A 74 -4.96 29.49 4.93
C HIS A 74 -4.25 28.23 5.40
N LEU A 75 -4.45 27.92 6.67
CA LEU A 75 -3.91 26.71 7.28
C LEU A 75 -4.76 25.54 6.84
N VAL A 76 -4.23 24.76 5.91
CA VAL A 76 -5.01 23.72 5.23
C VAL A 76 -4.89 22.38 5.91
N GLY A 77 -3.70 22.12 6.42
CA GLY A 77 -3.42 20.86 7.08
C GLY A 77 -4.18 20.75 8.38
N ASP A 78 -4.62 19.54 8.69
CA ASP A 78 -5.23 19.24 9.98
C ASP A 78 -4.15 19.29 11.06
N THR A 79 -4.27 20.29 11.93
CA THR A 79 -3.26 20.55 12.95
C THR A 79 -3.38 19.52 14.06
N PHE A 80 -4.52 18.87 14.08
CA PHE A 80 -4.79 17.81 15.07
C PHE A 80 -4.19 16.51 14.57
N HIS A 81 -3.58 16.60 13.41
CA HIS A 81 -2.85 15.47 12.83
C HIS A 81 -1.42 15.87 12.50
N ASN A 82 -0.97 16.91 13.19
CA ASN A 82 0.42 17.39 13.09
C ASN A 82 0.78 17.80 11.67
N ASP A 83 -0.25 18.24 10.94
CA ASP A 83 -0.12 18.75 9.60
C ASP A 83 -0.46 20.23 9.58
N GLY A 84 0.57 21.06 9.47
CA GLY A 84 0.39 22.51 9.50
C GLY A 84 0.70 23.19 8.19
N SER A 85 0.37 22.51 7.10
CA SER A 85 0.65 23.03 5.75
C SER A 85 -0.09 24.32 5.46
N LEU A 86 0.57 25.16 4.66
CA LEU A 86 0.04 26.46 4.28
C LEU A 86 -0.41 26.50 2.83
N LEU A 87 -1.51 27.19 2.61
CA LEU A 87 -2.04 27.43 1.27
C LEU A 87 -2.13 28.91 1.00
N LEU A 88 -1.26 29.38 0.11
CA LEU A 88 -1.25 30.79 -0.29
C LEU A 88 -1.91 30.95 -1.64
N GLN A 89 -2.98 31.73 -1.64
CA GLN A 89 -3.78 31.97 -2.84
C GLN A 89 -3.36 33.24 -3.55
N ASP A 90 -3.64 33.27 -4.84
CA ASP A 90 -3.54 34.50 -5.62
C ASP A 90 -2.20 35.15 -5.38
N VAL A 91 -1.16 34.42 -5.75
CA VAL A 91 0.22 34.82 -5.50
C VAL A 91 0.61 35.99 -6.37
N GLN A 92 1.20 36.98 -5.72
CA GLN A 92 1.76 38.14 -6.39
C GLN A 92 3.27 38.03 -6.51
N LYS A 93 3.81 38.91 -7.33
CA LYS A 93 5.26 39.00 -7.53
C LYS A 93 5.93 39.39 -6.22
N ALA A 94 5.20 40.17 -5.42
CA ALA A 94 5.74 40.68 -4.17
C ALA A 94 6.00 39.53 -3.22
N ASP A 95 5.27 38.44 -3.45
CA ASP A 95 5.33 37.25 -2.60
C ASP A 95 6.56 36.43 -2.89
N GLU A 96 7.38 36.92 -3.81
CA GLU A 96 8.59 36.19 -4.20
C GLU A 96 9.58 36.21 -3.06
N GLY A 97 9.89 35.04 -2.53
CA GLY A 97 10.89 34.92 -1.47
C GLY A 97 10.97 33.59 -0.78
N ILE A 98 11.46 33.64 0.44
CA ILE A 98 11.68 32.45 1.27
C ILE A 98 10.57 32.31 2.28
N TYR A 99 10.00 31.11 2.32
CA TYR A 99 8.95 30.77 3.27
C TYR A 99 9.43 29.68 4.22
N THR A 100 9.25 29.93 5.50
CA THR A 100 9.77 29.03 6.53
C THR A 100 8.72 28.62 7.52
N CYS A 101 8.57 27.32 7.67
CA CYS A 101 7.66 26.74 8.65
C CYS A 101 8.38 26.31 9.91
N GLU A 102 7.89 26.80 11.03
CA GLU A 102 8.38 26.39 12.35
C GLU A 102 7.24 25.86 13.20
N ILE A 103 7.35 24.59 13.55
CA ILE A 103 6.39 23.97 14.46
C ILE A 103 7.02 23.67 15.78
N ARG A 104 6.38 24.15 16.84
CA ARG A 104 6.78 23.79 18.18
C ARG A 104 5.93 22.63 18.66
N LEU A 105 6.61 21.56 19.04
CA LEU A 105 5.98 20.33 19.49
C LEU A 105 5.69 20.40 20.97
N LYS A 106 4.67 19.67 21.38
CA LYS A 106 4.25 19.69 22.79
C LYS A 106 5.33 19.12 23.69
N ASN A 107 6.22 18.30 23.12
CA ASN A 107 7.36 17.76 23.87
C ASN A 107 8.47 18.80 23.94
N GLU A 108 8.17 19.95 23.37
CA GLU A 108 8.98 21.18 23.51
C GLU A 108 10.14 21.27 22.55
N SER A 109 10.39 20.17 21.86
CA SER A 109 11.33 20.21 20.74
C SER A 109 10.69 21.05 19.65
N MET A 110 11.52 21.51 18.73
CA MET A 110 11.02 22.26 17.58
C MET A 110 11.34 21.54 16.30
N VAL A 111 10.49 21.79 15.32
CA VAL A 111 10.70 21.29 13.97
C VAL A 111 10.67 22.46 13.02
N MET A 112 11.82 22.74 12.44
CA MET A 112 11.92 23.69 11.35
C MET A 112 12.03 22.91 10.07
N LYS A 113 11.15 23.22 9.13
CA LYS A 113 11.24 22.62 7.80
C LYS A 113 12.09 23.50 6.92
N LYS A 114 12.72 22.87 5.93
CA LYS A 114 13.57 23.57 4.98
C LYS A 114 12.84 24.79 4.39
N PRO A 115 13.45 25.97 4.47
CA PRO A 115 12.79 27.09 3.83
C PRO A 115 12.66 26.88 2.33
N VAL A 116 11.51 27.33 1.83
CA VAL A 116 11.13 27.12 0.44
C VAL A 116 11.18 28.43 -0.33
N GLU A 117 11.98 28.43 -1.39
CA GLU A 117 12.07 29.59 -2.28
C GLU A 117 10.86 29.61 -3.19
N LEU A 118 10.11 30.70 -3.10
CA LEU A 118 8.98 30.95 -3.98
C LEU A 118 9.38 31.96 -5.04
N TRP A 119 9.50 31.46 -6.26
CA TRP A 119 9.81 32.28 -7.42
C TRP A 119 8.54 32.52 -8.19
N VAL A 120 8.18 33.79 -8.31
CA VAL A 120 6.97 34.19 -8.99
C VAL A 120 7.26 34.58 -10.43
N LEU A 121 6.65 33.83 -11.34
CA LEU A 121 6.79 34.03 -12.78
C LEU A 121 5.72 34.99 -13.29
N PRO A 122 5.89 35.50 -14.53
CA PRO A 122 4.88 36.39 -15.11
C PRO A 122 3.52 35.73 -15.30
N GLU A 123 2.52 36.58 -15.44
CA GLU A 123 1.11 36.14 -15.54
C GLU A 123 0.88 35.20 -16.72
N GLU A 124 0.06 34.19 -16.45
CA GLU A 124 -0.30 33.18 -17.46
C GLU A 124 -0.95 33.87 -18.67
N PRO A 125 -0.98 33.19 -19.84
CA PRO A 125 -1.52 33.83 -21.04
C PRO A 125 -2.94 34.34 -20.87
N ARG A 126 -3.80 33.43 -20.45
CA ARG A 126 -5.21 33.76 -20.13
C ARG A 126 -6.06 33.91 -21.37
N ASP A 127 -5.41 33.81 -22.53
CA ASP A 127 -6.12 33.95 -23.81
C ASP A 127 -5.67 32.90 -24.82
N LEU A 128 -6.50 31.88 -24.96
CA LEU A 128 -6.14 30.71 -25.76
C LEU A 128 -6.79 30.75 -27.12
N ARG A 129 -5.99 30.38 -28.12
CA ARG A 129 -6.40 30.44 -29.52
C ARG A 129 -6.27 29.10 -30.21
N VAL A 130 -7.40 28.40 -30.32
CA VAL A 130 -7.44 27.09 -30.96
C VAL A 130 -7.94 27.19 -32.39
N ARG A 131 -7.53 26.22 -33.17
CA ARG A 131 -7.92 26.14 -34.58
C ARG A 131 -8.89 24.98 -34.76
N VAL A 132 -10.00 25.27 -35.42
CA VAL A 132 -11.11 24.32 -35.53
C VAL A 132 -10.63 22.97 -36.02
N GLY A 133 -11.10 21.94 -35.33
CA GLY A 133 -10.82 20.55 -35.71
C GLY A 133 -9.49 20.08 -35.17
N ASP A 134 -9.00 20.81 -34.18
CA ASP A 134 -7.77 20.44 -33.50
C ASP A 134 -7.95 20.32 -32.00
N THR A 135 -6.90 19.81 -31.38
CA THR A 135 -6.86 19.63 -29.94
C THR A 135 -6.10 20.77 -29.29
N THR A 136 -6.64 21.22 -28.17
CA THR A 136 -5.96 22.18 -27.32
C THR A 136 -6.00 21.73 -25.89
N GLN A 137 -5.20 22.39 -25.07
CA GLN A 137 -5.14 22.12 -23.65
C GLN A 137 -5.49 23.35 -22.86
N MET A 138 -6.30 23.15 -21.84
CA MET A 138 -6.63 24.20 -20.89
C MET A 138 -6.15 23.77 -19.52
N ARG A 139 -5.09 24.42 -19.06
CA ARG A 139 -4.40 24.02 -17.84
C ARG A 139 -4.88 24.80 -16.63
N CYS A 140 -4.96 24.05 -15.54
CA CYS A 140 -5.41 24.56 -14.25
C CYS A 140 -4.85 23.68 -13.15
N SER A 141 -4.04 24.28 -12.28
CA SER A 141 -3.40 23.52 -11.20
C SER A 141 -2.78 24.38 -10.13
N ILE A 142 -2.89 23.90 -8.90
CA ILE A 142 -2.17 24.50 -7.78
C ILE A 142 -0.90 23.67 -7.56
N GLN A 143 0.11 24.30 -7.00
CA GLN A 143 1.41 23.69 -6.87
C GLN A 143 1.81 23.60 -5.42
N SER A 144 2.18 22.40 -5.02
CA SER A 144 2.51 22.13 -3.62
C SER A 144 3.62 21.13 -3.41
N THR A 145 4.36 21.34 -2.32
CA THR A 145 5.40 20.41 -1.90
C THR A 145 4.75 19.12 -1.43
N GLU A 146 3.44 19.20 -1.22
CA GLU A 146 2.63 18.09 -0.71
C GLU A 146 1.56 17.65 -1.70
N GLU A 147 1.56 16.36 -1.98
CA GLU A 147 0.63 15.79 -2.97
C GLU A 147 -0.70 15.38 -2.37
N LYS A 148 -1.64 15.15 -3.27
CA LYS A 148 -2.99 14.72 -2.93
C LYS A 148 -3.69 15.66 -1.97
N ARG A 149 -3.57 16.95 -2.24
CA ARG A 149 -4.22 17.96 -1.41
C ARG A 149 -5.46 18.51 -2.08
N VAL A 150 -5.52 18.34 -3.41
CA VAL A 150 -6.66 18.83 -4.20
C VAL A 150 -7.81 17.83 -4.12
N THR A 151 -8.95 18.35 -3.66
CA THR A 151 -10.07 17.51 -3.27
C THR A 151 -11.17 17.51 -4.32
N LYS A 152 -11.05 18.44 -5.26
CA LYS A 152 -12.09 18.60 -6.29
C LYS A 152 -11.70 19.55 -7.41
N VAL A 153 -12.08 19.16 -8.62
CA VAL A 153 -11.88 19.97 -9.82
C VAL A 153 -13.09 19.95 -10.74
N ASN A 154 -13.59 21.13 -11.07
CA ASN A 154 -14.59 21.22 -12.12
C ASN A 154 -14.40 22.40 -13.07
N TRP A 155 -14.57 22.08 -14.34
CA TRP A 155 -14.43 23.06 -15.42
C TRP A 155 -15.81 23.47 -15.92
N MET A 156 -16.05 24.78 -15.90
CA MET A 156 -17.32 25.31 -16.36
C MET A 156 -17.14 26.19 -17.59
N PHE A 157 -17.98 25.92 -18.57
CA PHE A 157 -17.97 26.64 -19.85
C PHE A 157 -19.13 27.60 -19.94
N SER A 158 -18.85 28.76 -20.50
CA SER A 158 -19.86 29.80 -20.67
C SER A 158 -19.50 30.84 -21.71
N SER A 159 -20.11 30.72 -22.88
CA SER A 159 -19.96 31.73 -23.92
C SER A 159 -20.52 33.06 -23.43
N GLY A 160 -19.81 34.12 -23.75
CA GLY A 160 -20.19 35.47 -23.33
C GLY A 160 -21.67 35.73 -23.47
N SER A 161 -22.28 34.97 -24.36
CA SER A 161 -23.73 35.04 -24.61
C SER A 161 -24.48 34.34 -23.48
N HIS A 162 -23.92 33.22 -23.04
CA HIS A 162 -24.57 32.33 -22.06
C HIS A 162 -24.99 33.02 -20.77
N THR A 163 -26.30 33.11 -20.58
CA THR A 163 -26.90 33.40 -19.28
C THR A 163 -27.10 32.04 -18.63
N GLU A 164 -26.00 31.30 -18.55
CA GLU A 164 -26.01 29.90 -18.16
C GLU A 164 -24.60 29.34 -18.08
N GLU A 165 -24.48 28.25 -17.35
CA GLU A 165 -23.21 27.55 -17.20
C GLU A 165 -23.35 26.11 -17.65
N GLU A 166 -22.23 25.56 -18.10
CA GLU A 166 -22.16 24.18 -18.55
C GLU A 166 -20.95 23.46 -17.99
N THR A 167 -21.19 22.24 -17.49
CA THR A 167 -20.12 21.42 -16.95
C THR A 167 -19.30 20.82 -18.08
N VAL A 168 -18.02 21.19 -18.11
CA VAL A 168 -17.09 20.65 -19.08
C VAL A 168 -16.53 19.34 -18.55
N LEU A 169 -16.11 19.39 -17.30
CA LEU A 169 -15.51 18.25 -16.62
C LEU A 169 -15.51 18.40 -15.11
N SER A 170 -16.13 17.43 -14.46
CA SER A 170 -16.22 17.43 -13.00
C SER A 170 -15.62 16.18 -12.39
N TYR A 171 -14.67 16.40 -11.49
CA TYR A 171 -13.88 15.33 -10.88
C TYR A 171 -13.62 15.61 -9.40
N ASP A 172 -13.88 14.60 -8.60
CA ASP A 172 -13.96 14.75 -7.14
C ASP A 172 -13.35 13.56 -6.39
N SER A 173 -12.81 13.85 -5.22
CA SER A 173 -12.12 12.82 -4.43
C SER A 173 -13.06 11.69 -4.01
N ASN A 174 -14.33 12.01 -3.92
CA ASN A 174 -15.34 11.06 -3.42
C ASN A 174 -16.30 10.62 -4.51
N MET A 175 -15.76 10.35 -5.69
CA MET A 175 -16.56 9.94 -6.85
C MET A 175 -17.12 8.55 -6.70
N ARG A 176 -18.40 8.43 -7.00
CA ARG A 176 -19.06 7.13 -7.08
C ARG A 176 -19.29 6.83 -8.55
N SER A 177 -18.30 7.20 -9.33
CA SER A 177 -18.27 6.92 -10.76
C SER A 177 -16.92 6.33 -11.18
N GLY A 178 -16.90 5.80 -12.39
CA GLY A 178 -15.71 5.15 -12.93
C GLY A 178 -14.78 6.13 -13.60
N LYS A 179 -15.22 7.37 -13.69
CA LYS A 179 -14.47 8.42 -14.38
C LYS A 179 -15.01 9.79 -14.04
N PHE A 180 -14.27 10.81 -14.47
CA PHE A 180 -14.73 12.20 -14.35
C PHE A 180 -16.07 12.37 -15.07
N GLN A 181 -16.82 13.35 -14.61
CA GLN A 181 -18.09 13.71 -15.26
C GLN A 181 -17.88 14.83 -16.25
N SER A 182 -18.21 14.54 -17.50
CA SER A 182 -18.25 15.54 -18.56
C SER A 182 -19.60 15.47 -19.26
N LEU A 183 -20.30 16.58 -19.23
CA LEU A 183 -21.69 16.63 -19.71
C LEU A 183 -21.84 17.23 -21.08
N GLY A 184 -22.88 16.75 -21.76
CA GLY A 184 -23.36 17.34 -23.01
C GLY A 184 -22.36 17.36 -24.13
N ARG A 185 -22.37 18.48 -24.84
CA ARG A 185 -21.46 18.72 -25.96
C ARG A 185 -20.08 18.14 -25.71
N PHE A 186 -19.58 18.38 -24.50
CA PHE A 186 -18.17 18.10 -24.18
C PHE A 186 -17.85 16.61 -24.04
N ARG A 187 -18.88 15.80 -23.93
CA ARG A 187 -18.71 14.34 -23.91
C ARG A 187 -17.77 13.89 -25.02
N ASN A 188 -16.95 12.91 -24.70
CA ASN A 188 -16.10 12.21 -25.66
C ASN A 188 -14.87 13.00 -26.11
N ARG A 189 -14.89 14.30 -25.82
CA ARG A 189 -13.85 15.20 -26.30
C ARG A 189 -12.98 15.68 -25.16
N VAL A 190 -13.63 16.26 -24.15
CA VAL A 190 -12.92 16.67 -22.92
C VAL A 190 -12.22 15.47 -22.30
N ASP A 191 -11.00 15.73 -21.84
CA ASP A 191 -10.15 14.68 -21.25
C ASP A 191 -9.02 15.24 -20.39
N LEU A 192 -8.74 14.54 -19.31
CA LEU A 192 -7.83 15.02 -18.25
C LEU A 192 -6.34 14.81 -18.56
N THR A 193 -5.61 15.91 -18.63
CA THR A 193 -4.17 15.87 -18.96
C THR A 193 -3.30 16.08 -17.72
N GLY A 194 -3.95 16.55 -16.67
CA GLY A 194 -3.30 16.69 -15.37
C GLY A 194 -3.49 15.45 -14.54
N ASP A 195 -2.63 15.31 -13.56
CA ASP A 195 -2.74 14.25 -12.56
C ASP A 195 -3.27 14.88 -11.28
N ILE A 196 -4.56 14.68 -11.05
CA ILE A 196 -5.25 15.38 -9.96
C ILE A 196 -4.61 15.04 -8.63
N SER A 197 -3.92 13.91 -8.59
CA SER A 197 -3.28 13.43 -7.34
C SER A 197 -2.09 14.31 -7.01
N ARG A 198 -1.52 14.87 -8.06
CA ARG A 198 -0.42 15.81 -7.95
C ARG A 198 -0.95 17.22 -8.08
N ASN A 199 -2.22 17.38 -7.73
CA ASN A 199 -2.84 18.69 -7.62
C ASN A 199 -2.94 19.41 -8.97
N ASP A 200 -3.09 18.62 -10.02
CA ASP A 200 -3.10 19.11 -11.38
C ASP A 200 -4.37 18.75 -12.14
N GLY A 201 -5.18 19.78 -12.39
CA GLY A 201 -6.51 19.60 -12.98
C GLY A 201 -6.59 19.91 -14.47
N SER A 202 -5.44 20.15 -15.06
CA SER A 202 -5.37 20.49 -16.50
C SER A 202 -6.12 19.48 -17.36
N ILE A 203 -6.88 20.04 -18.29
CA ILE A 203 -7.67 19.24 -19.21
C ILE A 203 -7.35 19.54 -20.66
N LYS A 204 -7.81 18.63 -21.50
CA LYS A 204 -7.58 18.66 -22.93
C LYS A 204 -8.88 18.55 -23.70
N LEU A 205 -9.01 19.38 -24.72
CA LEU A 205 -10.19 19.40 -25.60
C LEU A 205 -9.79 18.88 -26.98
N GLN A 206 -10.45 17.80 -27.40
CA GLN A 206 -9.96 16.96 -28.51
C GLN A 206 -10.26 17.46 -29.92
N THR A 207 -11.53 17.52 -30.28
CA THR A 207 -11.90 17.99 -31.61
C THR A 207 -12.74 19.25 -31.51
N VAL A 208 -12.06 20.38 -31.60
CA VAL A 208 -12.66 21.69 -31.36
C VAL A 208 -13.55 22.12 -32.50
N LYS A 209 -14.72 22.58 -32.14
CA LYS A 209 -15.71 23.07 -33.09
C LYS A 209 -15.97 24.55 -32.84
N GLU A 210 -16.42 25.22 -33.89
CA GLU A 210 -16.58 26.67 -33.87
C GLU A 210 -17.38 27.15 -32.67
N SER A 211 -18.29 26.31 -32.21
CA SER A 211 -19.23 26.68 -31.15
C SER A 211 -18.61 26.57 -29.77
N ASP A 212 -17.40 26.04 -29.71
CA ASP A 212 -16.71 25.84 -28.42
C ASP A 212 -16.28 27.17 -27.82
N GLN A 213 -16.16 28.17 -28.67
CA GLN A 213 -15.77 29.54 -28.26
C GLN A 213 -16.50 30.00 -27.02
N GLY A 214 -15.73 30.55 -26.10
CA GLY A 214 -16.28 31.14 -24.88
C GLY A 214 -15.29 31.21 -23.74
N ILE A 215 -15.82 31.32 -22.54
CA ILE A 215 -15.01 31.47 -21.34
C ILE A 215 -15.10 30.19 -20.51
N TYR A 216 -13.94 29.59 -20.30
CA TYR A 216 -13.81 28.38 -19.49
C TYR A 216 -13.28 28.74 -18.13
N THR A 217 -13.98 28.28 -17.10
CA THR A 217 -13.64 28.60 -15.73
C THR A 217 -13.34 27.35 -14.94
N CYS A 218 -12.14 27.31 -14.38
CA CYS A 218 -11.69 26.18 -13.56
C CYS A 218 -11.76 26.51 -12.08
N SER A 219 -12.57 25.73 -11.39
CA SER A 219 -12.68 25.81 -9.95
C SER A 219 -11.99 24.61 -9.35
N ILE A 220 -10.86 24.88 -8.71
CA ILE A 220 -10.00 23.84 -8.13
C ILE A 220 -9.95 23.99 -6.62
N TYR A 221 -10.33 22.93 -5.94
CA TYR A 221 -10.57 22.98 -4.49
C TYR A 221 -9.57 22.22 -3.65
N VAL A 222 -9.17 22.87 -2.56
CA VAL A 222 -8.42 22.22 -1.50
C VAL A 222 -9.25 22.33 -0.23
N GLY A 223 -10.10 21.34 -0.04
CA GLY A 223 -11.13 21.40 1.00
C GLY A 223 -12.21 22.35 0.57
N LYS A 224 -12.64 23.18 1.51
CA LYS A 224 -13.67 24.19 1.24
C LYS A 224 -13.10 25.29 0.36
N LEU A 225 -11.78 25.41 0.36
CA LEU A 225 -11.08 26.55 -0.27
C LEU A 225 -10.92 26.38 -1.76
N GLU A 226 -11.52 27.31 -2.50
CA GLU A 226 -11.52 27.25 -3.95
C GLU A 226 -10.62 28.30 -4.57
N SER A 227 -9.87 27.84 -5.57
CA SER A 227 -9.07 28.71 -6.41
C SER A 227 -9.63 28.64 -7.81
N ARG A 228 -9.73 29.79 -8.44
CA ARG A 228 -10.44 29.91 -9.70
C ARG A 228 -9.59 30.56 -10.78
N LYS A 229 -9.58 29.92 -11.93
CA LYS A 229 -8.89 30.44 -13.11
C LYS A 229 -9.93 30.68 -14.20
N THR A 230 -9.53 31.46 -15.20
CA THR A 230 -10.42 31.75 -16.32
C THR A 230 -9.65 31.87 -17.64
N ILE A 231 -10.16 31.17 -18.64
CA ILE A 231 -9.52 31.09 -19.94
C ILE A 231 -10.50 31.35 -21.09
N VAL A 232 -10.14 32.33 -21.91
CA VAL A 232 -10.91 32.68 -23.10
C VAL A 232 -10.41 31.90 -24.30
N LEU A 233 -11.34 31.21 -24.94
CA LEU A 233 -11.02 30.30 -26.03
C LEU A 233 -11.45 30.87 -27.37
N HIS A 234 -10.48 31.08 -28.23
CA HIS A 234 -10.71 31.56 -29.59
C HIS A 234 -10.56 30.45 -30.60
N VAL A 235 -11.63 30.20 -31.34
CA VAL A 235 -11.65 29.19 -32.39
C VAL A 235 -11.54 29.83 -33.76
N VAL A 236 -10.81 29.18 -34.64
CA VAL A 236 -10.51 29.74 -35.96
C VAL A 236 -10.58 28.73 -37.09
N GLN A 237 -11.23 29.16 -38.17
CA GLN A 237 -11.49 28.31 -39.34
C GLN A 237 -10.44 28.54 -40.42
N ASP A 238 -9.71 27.47 -40.72
CA ASP A 238 -8.70 27.48 -41.77
C ASP A 238 -9.00 26.41 -42.82
N TYR B 2 -18.58 -11.05 -10.72
CA TYR B 2 -18.10 -10.32 -11.92
C TYR B 2 -16.61 -10.02 -11.82
N THR B 3 -15.89 -10.46 -12.84
CA THR B 3 -14.44 -10.24 -12.91
C THR B 3 -14.00 -9.86 -14.32
N LEU B 4 -13.08 -8.91 -14.37
CA LEU B 4 -12.45 -8.51 -15.65
C LEU B 4 -11.47 -9.57 -16.08
N THR B 5 -11.56 -9.93 -17.36
CA THR B 5 -10.75 -11.00 -17.93
C THR B 5 -9.28 -10.65 -17.88
N GLN B 6 -8.49 -11.59 -17.41
CA GLN B 6 -7.05 -11.41 -17.24
C GLN B 6 -6.31 -12.75 -17.43
N PRO B 7 -5.20 -12.75 -18.17
CA PRO B 7 -4.48 -14.01 -18.35
C PRO B 7 -3.92 -14.56 -17.04
N PRO B 8 -3.93 -15.88 -16.88
CA PRO B 8 -3.50 -16.48 -15.61
C PRO B 8 -2.06 -16.16 -15.30
N LEU B 9 -1.19 -16.55 -16.21
CA LEU B 9 0.25 -16.37 -16.06
C LEU B 9 0.85 -15.65 -17.25
N VAL B 10 1.84 -14.83 -16.94
CA VAL B 10 2.64 -14.16 -17.95
C VAL B 10 4.12 -14.23 -17.55
N SER B 11 4.91 -14.89 -18.38
CA SER B 11 6.35 -14.99 -18.16
C SER B 11 7.09 -13.83 -18.78
N VAL B 12 8.36 -13.76 -18.43
CA VAL B 12 9.26 -12.71 -18.88
C VAL B 12 10.70 -12.91 -18.40
N ALA B 13 11.63 -12.82 -19.34
CA ALA B 13 13.05 -12.86 -19.00
C ALA B 13 13.43 -11.52 -18.40
N LEU B 14 14.55 -11.50 -17.69
CA LEU B 14 15.08 -10.24 -17.13
C LEU B 14 15.25 -9.23 -18.26
N GLY B 15 14.75 -8.03 -18.01
CA GLY B 15 14.90 -6.92 -18.95
C GLY B 15 13.91 -6.94 -20.08
N GLN B 16 13.27 -8.10 -20.28
CA GLN B 16 12.26 -8.25 -21.33
C GLN B 16 11.02 -7.44 -21.00
N LYS B 17 10.22 -7.26 -22.04
CA LYS B 17 8.93 -6.56 -21.95
C LYS B 17 7.84 -7.54 -21.57
N ALA B 18 6.96 -7.08 -20.70
CA ALA B 18 5.80 -7.87 -20.28
C ALA B 18 4.53 -7.06 -20.41
N THR B 19 3.49 -7.72 -20.90
CA THR B 19 2.21 -7.05 -21.13
C THR B 19 1.04 -7.84 -20.60
N ILE B 20 0.33 -7.21 -19.66
CA ILE B 20 -0.83 -7.81 -19.03
C ILE B 20 -2.08 -7.09 -19.48
N THR B 21 -2.99 -7.87 -20.06
CA THR B 21 -4.24 -7.35 -20.59
C THR B 21 -5.38 -7.43 -19.56
N CYS B 22 -6.32 -6.51 -19.70
CA CYS B 22 -7.49 -6.46 -18.84
C CYS B 22 -8.73 -6.05 -19.61
N SER B 23 -9.61 -7.03 -19.85
CA SER B 23 -10.79 -6.85 -20.69
C SER B 23 -12.10 -6.73 -19.92
N GLY B 24 -12.92 -5.81 -20.40
CA GLY B 24 -14.23 -5.52 -19.81
C GLY B 24 -15.17 -4.83 -20.77
N ASP B 25 -16.46 -5.06 -20.58
CA ASP B 25 -17.48 -4.48 -21.46
C ASP B 25 -17.41 -2.97 -21.35
N LYS B 26 -17.16 -2.33 -22.50
CA LYS B 26 -17.05 -0.88 -22.59
C LYS B 26 -16.08 -0.36 -21.53
N LEU B 27 -14.99 -1.09 -21.39
CA LEU B 27 -13.98 -0.81 -20.37
C LEU B 27 -13.31 0.53 -20.60
N SER B 28 -13.33 0.96 -21.85
CA SER B 28 -12.59 2.17 -22.27
C SER B 28 -13.47 3.40 -22.24
N ASP B 29 -14.48 3.35 -21.39
CA ASP B 29 -15.31 4.52 -21.09
C ASP B 29 -15.26 4.77 -19.60
N VAL B 30 -14.23 4.19 -19.00
CA VAL B 30 -14.01 4.26 -17.56
C VAL B 30 -12.55 4.01 -17.23
N TYR B 31 -12.06 4.71 -16.22
CA TYR B 31 -10.68 4.52 -15.76
C TYR B 31 -10.42 3.09 -15.30
N VAL B 32 -9.23 2.62 -15.65
CA VAL B 32 -8.71 1.34 -15.18
C VAL B 32 -7.42 1.52 -14.39
N HIS B 33 -7.33 0.83 -13.27
CA HIS B 33 -6.15 0.94 -12.40
C HIS B 33 -5.56 -0.43 -12.12
N TRP B 34 -4.26 -0.43 -11.84
CA TRP B 34 -3.53 -1.67 -11.61
C TRP B 34 -2.88 -1.70 -10.25
N TYR B 35 -3.00 -2.86 -9.62
CA TYR B 35 -2.35 -3.12 -8.34
C TYR B 35 -1.43 -4.31 -8.40
N GLN B 36 -0.38 -4.22 -7.58
CA GLN B 36 0.59 -5.30 -7.43
C GLN B 36 0.46 -5.90 -6.06
N GLN B 37 0.56 -7.22 -6.02
CA GLN B 37 0.54 -7.96 -4.77
C GLN B 37 1.57 -9.06 -4.77
N LYS B 38 2.33 -9.11 -3.69
CA LYS B 38 3.34 -10.13 -3.52
C LYS B 38 2.95 -11.10 -2.41
N ALA B 39 3.84 -12.03 -2.14
CA ALA B 39 3.58 -13.10 -1.18
C ALA B 39 3.10 -12.51 0.13
N GLY B 40 1.85 -12.79 0.45
CA GLY B 40 1.26 -12.42 1.74
C GLY B 40 1.45 -10.96 2.08
N GLN B 41 1.29 -10.13 1.06
CA GLN B 41 1.35 -8.68 1.22
C GLN B 41 0.07 -8.02 0.76
N ALA B 42 -0.14 -6.83 1.28
CA ALA B 42 -1.25 -5.99 0.83
C ALA B 42 -0.98 -5.53 -0.61
N PRO B 43 -2.05 -5.33 -1.39
CA PRO B 43 -1.85 -4.79 -2.72
C PRO B 43 -1.26 -3.40 -2.70
N VAL B 44 -0.54 -3.09 -3.77
CA VAL B 44 0.00 -1.77 -3.98
C VAL B 44 -0.37 -1.24 -5.35
N LEU B 45 -0.86 -0.01 -5.34
CA LEU B 45 -1.21 0.70 -6.57
C LEU B 45 0.05 0.99 -7.35
N VAL B 46 0.11 0.46 -8.56
CA VAL B 46 1.27 0.68 -9.44
C VAL B 46 0.93 1.58 -10.61
N ILE B 47 -0.28 1.43 -11.12
CA ILE B 47 -0.82 2.38 -12.10
C ILE B 47 -2.25 2.78 -11.81
N TYR B 48 -2.55 4.03 -12.09
CA TYR B 48 -3.90 4.55 -11.92
C TYR B 48 -4.33 5.45 -13.06
N GLU B 49 -5.64 5.53 -13.22
CA GLU B 49 -6.23 6.38 -14.24
C GLU B 49 -5.69 6.02 -15.59
N ASP B 50 -5.82 4.74 -15.93
CA ASP B 50 -5.40 4.19 -17.22
C ASP B 50 -3.91 4.23 -17.40
N ASN B 51 -3.36 5.43 -17.26
CA ASN B 51 -2.09 5.77 -17.87
C ASN B 51 -1.16 6.55 -16.99
N ARG B 52 -1.29 6.39 -15.68
CA ARG B 52 -0.45 7.14 -14.76
C ARG B 52 0.16 6.33 -13.63
N ARG B 53 1.18 6.93 -13.03
CA ARG B 53 2.07 6.20 -12.14
C ARG B 53 2.38 6.99 -10.88
N PRO B 54 2.29 6.36 -9.72
CA PRO B 54 2.70 7.10 -8.53
C PRO B 54 4.20 7.14 -8.39
N SER B 55 4.68 8.23 -7.82
CA SER B 55 6.09 8.33 -7.46
C SER B 55 6.38 7.25 -6.43
N GLY B 56 7.43 6.48 -6.69
CA GLY B 56 7.79 5.35 -5.84
C GLY B 56 7.69 4.07 -6.63
N ILE B 57 6.84 4.10 -7.65
CA ILE B 57 6.76 3.04 -8.65
C ILE B 57 7.86 3.26 -9.71
N PRO B 58 8.58 2.19 -10.08
CA PRO B 58 9.61 2.31 -11.11
C PRO B 58 9.09 2.81 -12.45
N ASP B 59 9.92 3.63 -13.10
CA ASP B 59 9.59 4.27 -14.38
C ASP B 59 9.10 3.30 -15.45
N HIS B 60 9.59 2.07 -15.37
CA HIS B 60 9.37 1.06 -16.43
C HIS B 60 7.97 0.45 -16.40
N PHE B 61 7.12 0.97 -15.53
CA PHE B 61 5.70 0.61 -15.53
C PHE B 61 4.94 1.66 -16.32
N SER B 62 4.02 1.18 -17.13
CA SER B 62 3.12 2.04 -17.89
C SER B 62 1.85 1.33 -18.27
N GLY B 63 0.80 2.12 -18.44
CA GLY B 63 -0.51 1.59 -18.73
C GLY B 63 -1.20 2.26 -19.89
N SER B 64 -2.10 1.52 -20.50
CA SER B 64 -2.95 2.05 -21.56
C SER B 64 -4.34 1.44 -21.50
N ASN B 65 -5.28 2.13 -22.15
CA ASN B 65 -6.67 1.68 -22.22
C ASN B 65 -7.37 2.08 -23.51
N SER B 66 -7.42 1.12 -24.42
CA SER B 66 -8.13 1.28 -25.70
C SER B 66 -8.87 0.01 -26.07
N GLY B 67 -9.80 0.17 -27.01
CA GLY B 67 -10.56 -0.94 -27.56
C GLY B 67 -11.06 -1.89 -26.49
N ASN B 68 -11.48 -1.29 -25.38
CA ASN B 68 -12.03 -2.02 -24.24
C ASN B 68 -11.09 -3.08 -23.70
N MET B 69 -9.79 -2.78 -23.76
CA MET B 69 -8.76 -3.67 -23.26
C MET B 69 -7.56 -2.92 -22.71
N ALA B 70 -7.47 -2.87 -21.38
CA ALA B 70 -6.35 -2.22 -20.71
C ALA B 70 -5.12 -3.11 -20.80
N THR B 71 -3.96 -2.48 -20.69
CA THR B 71 -2.69 -3.20 -20.72
C THR B 71 -1.67 -2.58 -19.80
N LEU B 72 -1.27 -3.35 -18.80
CA LEU B 72 -0.15 -2.98 -17.93
C LEU B 72 1.13 -3.48 -18.57
N THR B 73 1.99 -2.53 -18.89
CA THR B 73 3.27 -2.83 -19.51
C THR B 73 4.37 -2.76 -18.48
N ILE B 74 5.13 -3.85 -18.39
CA ILE B 74 6.31 -3.89 -17.54
C ILE B 74 7.56 -3.99 -18.40
N SER B 75 7.98 -2.85 -18.92
CA SER B 75 9.22 -2.75 -19.70
C SER B 75 10.38 -3.10 -18.80
N LYS B 76 11.42 -3.65 -19.39
CA LYS B 76 12.68 -3.82 -18.68
C LYS B 76 12.42 -4.47 -17.33
N ALA B 77 11.92 -5.70 -17.40
CA ALA B 77 11.43 -6.41 -16.21
C ALA B 77 12.53 -6.86 -15.27
N GLN B 78 12.33 -6.55 -14.00
CA GLN B 78 13.24 -6.96 -12.93
C GLN B 78 12.65 -8.13 -12.16
N ALA B 79 13.46 -8.68 -11.27
CA ALA B 79 13.07 -9.84 -10.47
C ALA B 79 12.12 -9.43 -9.35
N GLY B 80 12.12 -8.13 -9.08
CA GLY B 80 11.30 -7.56 -8.01
C GLY B 80 9.94 -7.18 -8.54
N ASP B 81 9.71 -7.50 -9.81
CA ASP B 81 8.43 -7.25 -10.46
C ASP B 81 7.63 -8.54 -10.46
N GLU B 82 8.28 -9.59 -10.02
CA GLU B 82 7.66 -10.91 -9.93
C GLU B 82 6.58 -10.87 -8.88
N ALA B 83 5.34 -10.75 -9.33
CA ALA B 83 4.20 -10.65 -8.41
C ALA B 83 2.86 -10.95 -9.08
N ASP B 84 1.80 -10.71 -8.32
CA ASP B 84 0.44 -10.82 -8.84
C ASP B 84 -0.09 -9.43 -9.16
N TYR B 85 -0.71 -9.31 -10.32
CA TYR B 85 -1.24 -8.03 -10.78
C TYR B 85 -2.73 -8.11 -11.09
N TYR B 86 -3.49 -7.28 -10.38
CA TYR B 86 -4.91 -7.13 -10.61
C TYR B 86 -5.20 -5.76 -11.18
N CYS B 87 -5.91 -5.74 -12.29
CA CYS B 87 -6.52 -4.51 -12.77
C CYS B 87 -7.80 -4.29 -11.99
N GLN B 88 -8.35 -3.11 -12.15
CA GLN B 88 -9.49 -2.69 -11.34
C GLN B 88 -10.24 -1.57 -12.01
N SER B 89 -11.53 -1.51 -11.75
CA SER B 89 -12.38 -0.52 -12.41
C SER B 89 -13.74 -0.33 -11.75
N TRP B 90 -14.69 0.09 -12.55
CA TRP B 90 -16.02 0.46 -12.07
C TRP B 90 -17.13 0.01 -13.00
N ASP B 91 -18.00 -0.83 -12.46
CA ASP B 91 -19.19 -1.28 -13.20
C ASP B 91 -20.26 -0.22 -13.06
N GLY B 92 -20.69 0.29 -14.20
CA GLY B 92 -21.67 1.37 -14.25
C GLY B 92 -23.06 0.87 -14.56
N THR B 93 -23.24 -0.43 -14.36
CA THR B 93 -24.57 -1.04 -14.52
C THR B 93 -25.15 -1.14 -13.12
N ASN B 94 -24.66 -2.12 -12.38
CA ASN B 94 -24.63 -2.04 -10.94
C ASN B 94 -23.71 -0.88 -10.65
N SER B 95 -23.74 -0.42 -9.41
CA SER B 95 -22.84 0.63 -8.96
C SER B 95 -21.81 0.02 -8.04
N ALA B 96 -20.73 -0.44 -8.64
CA ALA B 96 -19.70 -1.17 -7.89
C ALA B 96 -18.32 -1.09 -8.52
N TRP B 97 -17.33 -1.25 -7.66
CA TRP B 97 -15.96 -1.37 -8.11
C TRP B 97 -15.61 -2.84 -8.31
N VAL B 98 -14.93 -3.11 -9.42
CA VAL B 98 -14.65 -4.46 -9.84
C VAL B 98 -13.17 -4.67 -10.13
N PHE B 99 -12.70 -5.85 -9.75
CA PHE B 99 -11.32 -6.24 -9.99
C PHE B 99 -11.23 -7.26 -11.11
N GLY B 100 -10.01 -7.47 -11.57
CA GLY B 100 -9.72 -8.47 -12.58
C GLY B 100 -9.46 -9.81 -11.94
N SER B 101 -9.39 -10.86 -12.77
CA SER B 101 -9.18 -12.22 -12.28
C SER B 101 -7.78 -12.36 -11.70
N GLY B 102 -6.88 -11.54 -12.20
CA GLY B 102 -5.49 -11.51 -11.73
C GLY B 102 -4.51 -12.29 -12.59
N THR B 103 -3.30 -11.75 -12.66
CA THR B 103 -2.23 -12.34 -13.45
C THR B 103 -0.97 -12.51 -12.63
N LYS B 104 -0.39 -13.70 -12.70
CA LYS B 104 0.87 -13.97 -12.03
C LYS B 104 2.01 -13.73 -12.99
N VAL B 105 2.81 -12.72 -12.67
CA VAL B 105 3.98 -12.38 -13.49
C VAL B 105 5.23 -13.05 -12.93
N THR B 106 5.73 -14.00 -13.70
CA THR B 106 6.95 -14.70 -13.36
C THR B 106 8.11 -14.10 -14.13
N VAL B 107 9.24 -13.96 -13.45
CA VAL B 107 10.44 -13.37 -14.05
C VAL B 107 11.55 -14.38 -14.21
N LEU B 108 11.78 -14.76 -15.46
CA LEU B 108 12.79 -15.75 -15.83
C LEU B 108 14.12 -15.09 -16.13
N GLY B 109 15.10 -15.93 -16.41
CA GLY B 109 16.45 -15.49 -16.72
C GLY B 109 17.29 -15.30 -15.48
N GLN B 110 16.73 -15.72 -14.35
CA GLN B 110 17.40 -15.58 -13.06
C GLN B 110 18.40 -16.73 -12.85
N PRO B 111 19.50 -16.48 -12.15
CA PRO B 111 20.58 -17.47 -12.06
C PRO B 111 20.37 -18.56 -11.04
N ASN B 112 21.16 -19.62 -11.20
CA ASN B 112 21.13 -20.79 -10.30
C ASN B 112 21.99 -20.62 -9.07
N ALA B 113 21.34 -20.22 -7.99
CA ALA B 113 22.00 -20.11 -6.69
C ALA B 113 21.82 -21.39 -5.92
N ALA B 114 22.88 -21.79 -5.23
CA ALA B 114 22.89 -23.01 -4.43
C ALA B 114 22.34 -22.73 -3.03
N PRO B 115 21.70 -23.73 -2.40
CA PRO B 115 21.09 -23.53 -1.10
C PRO B 115 22.06 -23.65 0.05
N SER B 116 21.86 -22.79 1.03
CA SER B 116 22.57 -22.86 2.29
C SER B 116 21.72 -23.61 3.30
N VAL B 117 22.22 -24.77 3.71
CA VAL B 117 21.48 -25.63 4.64
C VAL B 117 21.91 -25.39 6.07
N THR B 118 20.95 -25.58 6.96
CA THR B 118 21.17 -25.45 8.40
C THR B 118 20.32 -26.43 9.18
N LEU B 119 21.01 -27.38 9.80
CA LEU B 119 20.35 -28.45 10.55
C LEU B 119 20.45 -28.15 12.02
N PHE B 120 19.31 -28.24 12.69
CA PHE B 120 19.22 -27.96 14.12
C PHE B 120 18.79 -29.19 14.90
N PRO B 121 19.23 -29.30 16.15
CA PRO B 121 18.80 -30.40 17.00
C PRO B 121 17.57 -30.01 17.81
N PRO B 122 16.91 -30.99 18.45
CA PRO B 122 15.76 -30.66 19.27
C PRO B 122 16.14 -30.03 20.60
N SER B 123 15.46 -28.95 20.92
CA SER B 123 15.68 -28.24 22.18
C SER B 123 15.38 -29.17 23.35
N SER B 124 16.13 -28.96 24.42
CA SER B 124 15.89 -29.71 25.66
C SER B 124 14.47 -29.45 26.10
N GLU B 125 14.05 -28.21 25.90
CA GLU B 125 12.72 -27.76 26.32
C GLU B 125 11.63 -28.60 25.67
N GLU B 126 11.95 -29.16 24.52
CA GLU B 126 11.00 -29.94 23.72
C GLU B 126 11.02 -31.42 24.09
N LEU B 127 12.18 -31.88 24.50
CA LEU B 127 12.40 -33.30 24.83
C LEU B 127 11.63 -33.72 26.07
N LYS B 128 11.36 -32.76 26.95
CA LYS B 128 10.55 -33.03 28.13
C LYS B 128 9.25 -33.67 27.69
N THR B 129 8.76 -33.22 26.55
CA THR B 129 7.47 -33.64 26.00
C THR B 129 7.53 -35.06 25.49
N ASN B 130 8.74 -35.61 25.55
CA ASN B 130 9.07 -36.92 24.94
C ASN B 130 8.97 -36.86 23.42
N GLN B 131 9.01 -35.64 22.92
CA GLN B 131 9.01 -35.39 21.48
C GLN B 131 10.30 -34.70 21.08
N ALA B 132 10.83 -35.12 19.94
CA ALA B 132 12.04 -34.50 19.39
C ALA B 132 11.87 -34.13 17.92
N THR B 133 11.98 -32.83 17.66
CA THR B 133 11.87 -32.28 16.32
C THR B 133 13.22 -31.81 15.84
N LEU B 134 13.62 -32.34 14.69
CA LEU B 134 14.82 -31.92 13.99
C LEU B 134 14.43 -30.97 12.88
N VAL B 135 15.06 -29.79 12.88
CA VAL B 135 14.75 -28.73 11.93
C VAL B 135 15.89 -28.45 10.98
N CYS B 136 15.66 -28.81 9.73
CA CYS B 136 16.63 -28.65 8.65
C CYS B 136 16.07 -27.61 7.70
N MET B 137 16.69 -26.44 7.72
CA MET B 137 16.22 -25.26 6.96
C MET B 137 17.10 -24.97 5.76
N ILE B 138 16.44 -24.81 4.63
CA ILE B 138 17.10 -24.54 3.35
C ILE B 138 16.86 -23.10 2.93
N ASN B 139 17.94 -22.43 2.58
CA ASN B 139 17.89 -21.00 2.31
C ASN B 139 18.71 -20.53 1.13
N GLY B 140 18.12 -19.58 0.41
CA GLY B 140 18.79 -18.88 -0.68
C GLY B 140 19.16 -19.76 -1.86
N PHE B 141 18.14 -20.26 -2.54
CA PHE B 141 18.36 -21.07 -3.74
C PHE B 141 17.37 -20.74 -4.85
N TYR B 142 17.86 -20.88 -6.07
CA TYR B 142 17.06 -20.71 -7.27
C TYR B 142 17.46 -21.75 -8.30
N PRO B 143 16.47 -22.38 -8.98
CA PRO B 143 15.02 -22.17 -8.86
C PRO B 143 14.41 -22.91 -7.68
N ALA B 144 13.09 -22.86 -7.60
CA ALA B 144 12.36 -23.30 -6.42
C ALA B 144 12.09 -24.80 -6.42
N ASP B 145 13.12 -25.57 -6.72
CA ASP B 145 13.02 -27.03 -6.75
C ASP B 145 13.94 -27.68 -5.72
N VAL B 146 13.33 -28.35 -4.76
CA VAL B 146 14.06 -28.97 -3.65
C VAL B 146 13.39 -30.20 -3.06
N ALA B 147 14.18 -31.26 -2.97
CA ALA B 147 13.75 -32.50 -2.36
C ALA B 147 14.60 -32.82 -1.14
N VAL B 148 13.96 -32.81 0.03
CA VAL B 148 14.64 -33.09 1.30
C VAL B 148 14.43 -34.53 1.73
N THR B 149 15.54 -35.18 2.06
CA THR B 149 15.54 -36.57 2.53
C THR B 149 16.22 -36.69 3.88
N TRP B 150 15.72 -37.64 4.66
CA TRP B 150 16.23 -37.85 6.01
C TRP B 150 16.87 -39.21 6.16
N GLU B 151 17.84 -39.26 7.06
CA GLU B 151 18.52 -40.51 7.42
C GLU B 151 18.87 -40.61 8.90
N ALA B 152 19.20 -41.82 9.28
CA ALA B 152 19.66 -42.12 10.63
C ALA B 152 20.42 -43.44 10.67
N ASP B 153 21.74 -43.30 10.72
CA ASP B 153 22.66 -44.45 10.69
C ASP B 153 22.52 -45.20 9.38
N GLY B 154 22.40 -44.43 8.30
CA GLY B 154 22.38 -44.96 6.94
C GLY B 154 21.00 -45.47 6.57
N THR B 155 20.11 -45.42 7.54
CA THR B 155 18.71 -45.81 7.35
C THR B 155 17.82 -44.59 7.11
N PRO B 156 17.16 -44.54 5.93
CA PRO B 156 16.31 -43.38 5.65
C PRO B 156 14.98 -43.40 6.39
N ILE B 157 14.64 -42.24 6.91
CA ILE B 157 13.36 -42.03 7.60
C ILE B 157 12.42 -41.27 6.70
N THR B 158 11.27 -41.88 6.43
CA THR B 158 10.26 -41.26 5.59
C THR B 158 9.09 -40.80 6.42
N GLN B 159 8.47 -41.76 7.10
CA GLN B 159 7.29 -41.49 7.92
C GLN B 159 7.69 -40.70 9.15
N GLY B 160 6.96 -39.61 9.37
CA GLY B 160 7.24 -38.71 10.49
C GLY B 160 7.90 -37.43 10.02
N VAL B 161 8.01 -37.33 8.70
CA VAL B 161 8.62 -36.17 8.06
C VAL B 161 7.60 -35.28 7.39
N LYS B 162 7.96 -34.00 7.33
CA LYS B 162 7.16 -33.00 6.61
C LYS B 162 8.04 -31.87 6.10
N THR B 163 7.86 -31.55 4.84
CA THR B 163 8.62 -30.49 4.17
C THR B 163 7.70 -29.43 3.60
N THR B 164 8.06 -28.19 3.86
CA THR B 164 7.27 -27.03 3.41
C THR B 164 7.46 -26.78 1.95
N GLN B 165 6.49 -26.10 1.37
CA GLN B 165 6.56 -25.63 -0.02
C GLN B 165 7.52 -24.44 -0.11
N PRO B 166 8.37 -24.40 -1.15
CA PRO B 166 9.27 -23.27 -1.26
C PRO B 166 8.53 -21.96 -1.44
N SER B 167 9.11 -20.91 -0.88
CA SER B 167 8.60 -19.55 -1.06
C SER B 167 9.74 -18.57 -1.27
N LYS B 168 9.41 -17.49 -1.96
CA LYS B 168 10.42 -16.53 -2.39
C LYS B 168 10.84 -15.57 -1.30
N SER B 169 12.15 -15.44 -1.15
CA SER B 169 12.74 -14.17 -0.77
C SER B 169 13.25 -13.57 -2.07
N ASP B 170 13.44 -12.26 -2.05
CA ASP B 170 13.49 -11.49 -3.28
C ASP B 170 14.33 -12.15 -4.38
N SER B 171 15.53 -12.58 -4.03
CA SER B 171 16.47 -13.02 -5.05
C SER B 171 16.64 -14.54 -5.02
N LYS B 172 15.82 -15.17 -4.19
CA LYS B 172 15.96 -16.60 -3.93
C LYS B 172 14.71 -17.21 -3.33
N TYR B 173 14.68 -18.54 -3.31
CA TYR B 173 13.62 -19.29 -2.63
C TYR B 173 14.12 -19.89 -1.33
N MET B 174 13.19 -20.07 -0.40
CA MET B 174 13.51 -20.64 0.92
C MET B 174 12.50 -21.67 1.38
N ALA B 175 13.01 -22.68 2.06
CA ALA B 175 12.16 -23.74 2.63
C ALA B 175 12.77 -24.39 3.85
N THR B 176 11.97 -25.23 4.49
CA THR B 176 12.44 -26.04 5.62
C THR B 176 11.73 -27.39 5.72
N SER B 177 12.47 -28.37 6.22
CA SER B 177 11.92 -29.70 6.47
C SER B 177 12.02 -30.05 7.94
N TYR B 178 10.98 -30.73 8.42
CA TYR B 178 10.92 -31.17 9.81
C TYR B 178 10.87 -32.68 9.94
N LEU B 179 11.74 -33.17 10.80
CA LEU B 179 11.72 -34.58 11.20
C LEU B 179 11.26 -34.67 12.64
N THR B 180 10.20 -35.43 12.84
CA THR B 180 9.59 -35.59 14.16
C THR B 180 9.74 -37.00 14.71
N MET B 181 10.72 -37.14 15.61
CA MET B 181 10.98 -38.39 16.31
C MET B 181 10.21 -38.40 17.62
N THR B 182 10.59 -39.31 18.49
CA THR B 182 10.20 -39.28 19.89
C THR B 182 11.47 -39.04 20.70
N ALA B 183 11.31 -38.95 22.02
CA ALA B 183 12.44 -38.73 22.91
C ALA B 183 13.48 -39.80 22.66
N ASP B 184 13.04 -41.04 22.76
CA ASP B 184 13.92 -42.21 22.67
C ASP B 184 14.44 -42.42 21.25
N ALA B 185 13.58 -42.15 20.29
CA ALA B 185 13.94 -42.33 18.88
C ALA B 185 15.14 -41.47 18.56
N TRP B 186 15.15 -40.29 19.16
CA TRP B 186 16.21 -39.29 18.92
C TRP B 186 17.52 -39.72 19.57
N LYS B 187 17.42 -40.24 20.79
CA LYS B 187 18.59 -40.43 21.66
C LYS B 187 19.15 -41.83 21.52
N SER B 188 18.60 -42.59 20.58
CA SER B 188 19.01 -43.98 20.37
C SER B 188 19.61 -44.20 19.00
N ARG B 189 19.85 -43.11 18.29
CA ARG B 189 20.38 -43.17 16.93
C ARG B 189 21.64 -42.31 16.78
N ASN B 190 22.67 -42.94 16.25
CA ASN B 190 24.02 -42.34 16.13
C ASN B 190 24.03 -40.94 15.53
N THR B 191 23.91 -40.89 14.19
CA THR B 191 23.99 -39.63 13.47
C THR B 191 22.83 -39.43 12.50
N PHE B 192 22.14 -38.32 12.70
CA PHE B 192 21.05 -37.89 11.81
C PHE B 192 21.57 -37.01 10.70
N ILE B 193 20.97 -37.17 9.53
CA ILE B 193 21.30 -36.36 8.36
C ILE B 193 20.06 -35.94 7.59
N CYS B 194 20.02 -34.67 7.18
CA CYS B 194 19.05 -34.19 6.21
C CYS B 194 19.78 -33.93 4.90
N LYS B 195 19.29 -34.58 3.86
CA LYS B 195 19.86 -34.47 2.51
C LYS B 195 19.01 -33.55 1.67
N VAL B 196 19.53 -32.37 1.37
CA VAL B 196 18.84 -31.40 0.53
C VAL B 196 19.33 -31.51 -0.90
N THR B 197 18.38 -31.53 -1.83
CA THR B 197 18.67 -31.69 -3.24
C THR B 197 18.11 -30.58 -4.10
N HIS B 198 19.03 -29.83 -4.68
CA HIS B 198 18.71 -28.74 -5.60
C HIS B 198 19.65 -28.78 -6.79
N GLY B 199 19.11 -29.18 -7.92
CA GLY B 199 19.90 -29.45 -9.11
C GLY B 199 20.57 -30.81 -8.96
N GLY B 200 21.73 -30.93 -9.58
CA GLY B 200 22.50 -32.17 -9.54
C GLY B 200 23.37 -32.20 -8.29
N ASN B 201 22.85 -31.57 -7.24
CA ASN B 201 23.60 -31.38 -6.00
C ASN B 201 22.90 -32.01 -4.82
N THR B 202 23.71 -32.54 -3.91
CA THR B 202 23.19 -33.15 -2.69
C THR B 202 23.95 -32.68 -1.47
N VAL B 203 23.48 -31.56 -0.93
CA VAL B 203 24.03 -31.01 0.32
C VAL B 203 23.53 -31.85 1.49
N GLU B 204 24.46 -32.21 2.35
CA GLU B 204 24.15 -32.99 3.55
C GLU B 204 24.74 -32.33 4.78
N LYS B 205 23.98 -32.35 5.86
CA LYS B 205 24.44 -31.81 7.14
C LYS B 205 24.20 -32.78 8.29
N SER B 206 25.27 -32.99 9.05
CA SER B 206 25.31 -34.01 10.10
C SER B 206 24.77 -33.53 11.43
N LEU B 207 24.32 -34.50 12.22
CA LEU B 207 23.89 -34.25 13.60
C LEU B 207 24.09 -35.46 14.50
N SER B 208 24.76 -35.22 15.62
CA SER B 208 24.93 -36.25 16.65
C SER B 208 24.44 -35.74 18.00
N PRO B 209 24.57 -36.58 19.04
CA PRO B 209 24.04 -36.23 20.36
C PRO B 209 24.39 -34.80 20.72
N SER B 210 23.35 -34.04 21.05
CA SER B 210 23.50 -32.60 21.36
C SER B 210 22.14 -31.92 21.61
N GLN C 1 2.49 9.98 8.13
CA GLN C 1 2.34 8.52 8.39
C GLN C 1 0.87 8.10 8.30
N VAL C 2 0.33 8.19 7.08
CA VAL C 2 -1.05 7.79 6.80
C VAL C 2 -1.16 6.29 6.72
N GLN C 3 -1.95 5.73 7.63
CA GLN C 3 -2.04 4.29 7.79
C GLN C 3 -3.46 3.78 8.00
N LEU C 4 -3.70 2.61 7.43
CA LEU C 4 -4.87 1.84 7.75
C LEU C 4 -4.41 0.51 8.34
N LYS C 5 -4.97 0.17 9.49
CA LYS C 5 -4.67 -1.10 10.13
C LYS C 5 -5.93 -1.78 10.62
N GLU C 6 -6.13 -3.00 10.13
CA GLU C 6 -7.30 -3.81 10.52
C GLU C 6 -7.01 -4.71 11.71
N SER C 7 -8.10 -5.15 12.30
CA SER C 7 -8.07 -5.85 13.59
C SER C 7 -9.35 -6.63 13.86
N GLY C 8 -9.20 -7.74 14.56
CA GLY C 8 -10.34 -8.56 14.94
C GLY C 8 -9.99 -10.02 15.21
N PRO C 9 -11.02 -10.87 15.30
CA PRO C 9 -10.78 -12.29 15.56
C PRO C 9 -10.25 -13.00 14.34
N GLY C 10 -9.33 -13.92 14.59
CA GLY C 10 -8.65 -14.66 13.53
C GLY C 10 -9.37 -15.96 13.23
N LEU C 11 -10.10 -16.43 14.23
CA LEU C 11 -10.82 -17.70 14.12
C LEU C 11 -12.27 -17.57 14.55
N LEU C 12 -13.13 -18.20 13.76
CA LEU C 12 -14.56 -18.23 14.03
C LEU C 12 -15.21 -19.53 13.58
N GLN C 13 -16.25 -19.92 14.30
CA GLN C 13 -17.10 -21.05 13.91
C GLN C 13 -18.16 -20.55 12.93
N PRO C 14 -18.71 -21.46 12.12
CA PRO C 14 -19.79 -21.06 11.22
C PRO C 14 -21.01 -20.50 11.95
N SER C 15 -21.84 -19.84 11.16
CA SER C 15 -23.10 -19.25 11.61
C SER C 15 -22.89 -18.18 12.67
N GLN C 16 -21.63 -17.94 13.00
CA GLN C 16 -21.26 -16.81 13.86
C GLN C 16 -21.31 -15.53 13.03
N THR C 17 -20.90 -14.44 13.65
CA THR C 17 -20.89 -13.13 13.01
C THR C 17 -19.53 -12.45 13.13
N LEU C 18 -18.94 -12.19 11.98
CA LEU C 18 -17.64 -11.51 11.91
C LEU C 18 -17.85 -10.04 12.17
N SER C 19 -16.88 -9.45 12.85
CA SER C 19 -16.84 -7.99 13.03
C SER C 19 -15.42 -7.46 13.12
N LEU C 20 -14.99 -6.90 12.00
CA LEU C 20 -13.65 -6.31 11.88
C LEU C 20 -13.68 -4.82 12.14
N THR C 21 -12.50 -4.32 12.47
CA THR C 21 -12.31 -2.89 12.71
C THR C 21 -11.05 -2.41 12.03
N CYS C 22 -11.20 -1.30 11.31
CA CYS C 22 -10.12 -0.69 10.56
C CYS C 22 -9.86 0.70 11.13
N THR C 23 -8.64 0.89 11.62
CA THR C 23 -8.23 2.15 12.24
C THR C 23 -7.40 3.00 11.29
N VAL C 24 -8.04 4.07 10.83
CA VAL C 24 -7.44 4.99 9.85
C VAL C 24 -6.71 6.11 10.54
N SER C 25 -5.39 6.04 10.54
CA SER C 25 -4.56 7.00 11.24
C SER C 25 -4.05 8.09 10.32
N GLY C 26 -3.76 9.22 10.94
CA GLY C 26 -3.10 10.34 10.27
C GLY C 26 -4.05 11.19 9.47
N ILE C 27 -5.29 10.73 9.39
CA ILE C 27 -6.33 11.49 8.69
C ILE C 27 -7.70 11.36 9.34
N SER C 28 -8.66 12.00 8.71
CA SER C 28 -10.03 12.08 9.20
C SER C 28 -10.97 11.40 8.21
N LEU C 29 -11.98 10.74 8.76
CA LEU C 29 -12.94 9.98 7.95
C LEU C 29 -13.98 10.90 7.31
N SER C 30 -13.96 12.16 7.76
CA SER C 30 -14.99 13.13 7.37
C SER C 30 -14.86 13.56 5.92
N ASP C 31 -13.74 13.21 5.31
CA ASP C 31 -13.49 13.65 3.93
C ASP C 31 -12.83 12.60 3.05
N TYR C 32 -12.84 11.36 3.53
CA TYR C 32 -12.45 10.21 2.73
C TYR C 32 -13.31 8.99 3.06
N GLY C 33 -13.76 8.32 2.02
CA GLY C 33 -14.48 7.06 2.15
C GLY C 33 -13.54 5.89 2.18
N VAL C 34 -13.89 4.88 2.95
CA VAL C 34 -13.05 3.69 3.13
C VAL C 34 -13.70 2.44 2.57
N HIS C 35 -12.90 1.66 1.88
CA HIS C 35 -13.36 0.38 1.32
C HIS C 35 -13.06 -0.82 2.22
N TRP C 36 -13.83 -1.87 1.99
CA TRP C 36 -13.53 -3.19 2.52
C TRP C 36 -13.41 -4.15 1.34
N VAL C 37 -12.26 -4.80 1.27
CA VAL C 37 -11.97 -5.74 0.21
C VAL C 37 -11.37 -7.01 0.77
N ARG C 38 -11.84 -8.15 0.29
CA ARG C 38 -11.33 -9.43 0.76
C ARG C 38 -10.79 -10.29 -0.37
N GLN C 39 -10.00 -11.27 0.04
CA GLN C 39 -9.33 -12.16 -0.89
C GLN C 39 -9.27 -13.58 -0.35
N ALA C 40 -10.11 -14.43 -0.94
CA ALA C 40 -10.17 -15.86 -0.58
C ALA C 40 -8.93 -16.57 -1.08
N PRO C 41 -8.45 -17.56 -0.32
CA PRO C 41 -7.19 -18.22 -0.61
C PRO C 41 -6.91 -18.35 -2.10
N GLY C 42 -7.75 -19.12 -2.76
CA GLY C 42 -7.54 -19.47 -4.16
C GLY C 42 -7.81 -18.32 -5.10
N LYS C 43 -8.87 -17.58 -4.80
CA LYS C 43 -9.41 -16.58 -5.72
C LYS C 43 -8.71 -15.24 -5.54
N GLY C 44 -9.22 -14.23 -6.24
CA GLY C 44 -8.59 -12.91 -6.27
C GLY C 44 -9.23 -11.92 -5.31
N LEU C 45 -9.22 -10.66 -5.73
CA LEU C 45 -9.73 -9.57 -4.89
C LEU C 45 -11.21 -9.38 -5.11
N GLU C 46 -11.94 -9.30 -4.01
CA GLU C 46 -13.39 -9.12 -4.06
C GLU C 46 -13.81 -7.94 -3.20
N TRP C 47 -14.39 -6.94 -3.87
CA TRP C 47 -14.93 -5.76 -3.21
C TRP C 47 -16.21 -6.10 -2.47
N MET C 48 -16.22 -5.75 -1.19
CA MET C 48 -17.36 -6.07 -0.33
C MET C 48 -18.27 -4.86 -0.19
N GLY C 49 -17.66 -3.70 -0.05
CA GLY C 49 -18.41 -2.47 0.19
C GLY C 49 -17.58 -1.25 0.52
N ILE C 50 -18.27 -0.12 0.57
CA ILE C 50 -17.67 1.17 0.88
C ILE C 50 -18.49 1.95 1.89
N ILE C 51 -17.78 2.63 2.77
CA ILE C 51 -18.36 3.69 3.58
C ILE C 51 -17.74 5.00 3.16
N GLY C 52 -18.54 5.79 2.45
CA GLY C 52 -18.09 7.07 1.92
C GLY C 52 -17.85 8.12 2.99
N HIS C 53 -17.12 9.13 2.60
CA HIS C 53 -16.73 10.22 3.51
C HIS C 53 -17.95 10.74 4.26
N ALA C 54 -19.11 10.60 3.64
CA ALA C 54 -20.34 11.22 4.15
C ALA C 54 -21.11 10.25 5.04
N GLY C 55 -20.58 9.04 5.15
CA GLY C 55 -21.18 8.00 5.98
C GLY C 55 -22.11 7.08 5.21
N GLY C 56 -22.40 7.48 3.98
CA GLY C 56 -23.21 6.65 3.08
C GLY C 56 -22.52 5.35 2.75
N THR C 57 -23.31 4.33 2.48
CA THR C 57 -22.77 2.99 2.21
C THR C 57 -23.39 2.31 1.01
N ASP C 58 -22.51 1.65 0.27
CA ASP C 58 -22.91 0.75 -0.81
C ASP C 58 -22.19 -0.59 -0.65
N TYR C 59 -22.81 -1.64 -1.17
CA TYR C 59 -22.29 -2.98 -0.99
C TYR C 59 -22.26 -3.78 -2.28
N ASN C 60 -21.70 -4.98 -2.16
CA ASN C 60 -21.63 -5.96 -3.26
C ASN C 60 -22.90 -6.81 -3.36
N SER C 61 -23.45 -6.83 -4.57
CA SER C 61 -24.75 -7.45 -4.84
C SER C 61 -24.81 -8.85 -4.26
N ASN C 62 -23.72 -9.58 -4.42
CA ASN C 62 -23.65 -10.97 -3.95
C ASN C 62 -23.66 -10.99 -2.43
N LEU C 63 -22.92 -10.04 -1.85
CA LEU C 63 -22.93 -9.82 -0.41
C LEU C 63 -24.12 -8.95 -0.09
N LYS C 64 -25.29 -9.57 -0.10
CA LYS C 64 -26.54 -8.86 0.04
C LYS C 64 -27.22 -9.12 1.37
N SER C 65 -26.91 -8.27 2.33
CA SER C 65 -27.71 -8.12 3.54
C SER C 65 -27.22 -8.98 4.69
N ARG C 66 -26.01 -9.50 4.55
CA ARG C 66 -25.31 -10.08 5.71
C ARG C 66 -23.93 -9.47 5.85
N VAL C 67 -23.72 -8.43 5.06
CA VAL C 67 -22.58 -7.55 5.22
C VAL C 67 -23.08 -6.25 5.82
N SER C 68 -22.23 -5.65 6.63
CA SER C 68 -22.56 -4.40 7.30
C SER C 68 -21.35 -3.57 7.63
N ILE C 69 -21.35 -2.36 7.09
CA ILE C 69 -20.25 -1.43 7.29
C ILE C 69 -20.70 -0.15 7.95
N SER C 70 -20.16 0.10 9.13
CA SER C 70 -20.35 1.38 9.80
C SER C 70 -19.03 1.91 10.33
N ARG C 71 -19.11 3.00 11.07
CA ARG C 71 -17.92 3.70 11.54
C ARG C 71 -18.12 4.56 12.76
N ASP C 72 -16.99 5.02 13.28
CA ASP C 72 -16.96 5.99 14.37
C ASP C 72 -15.83 6.99 14.16
N THR C 73 -16.23 8.20 13.77
CA THR C 73 -15.27 9.23 13.37
C THR C 73 -14.44 9.67 14.55
N SER C 74 -15.05 9.63 15.72
CA SER C 74 -14.37 10.06 16.93
C SER C 74 -13.11 9.23 17.17
N LYS C 75 -13.15 7.98 16.73
CA LYS C 75 -12.03 7.07 16.93
C LYS C 75 -11.25 6.86 15.65
N SER C 76 -11.76 7.45 14.57
CA SER C 76 -11.24 7.19 13.23
C SER C 76 -11.22 5.70 13.01
N GLN C 77 -12.41 5.11 13.02
CA GLN C 77 -12.57 3.66 13.01
C GLN C 77 -13.73 3.20 12.14
N VAL C 78 -13.40 2.41 11.13
CA VAL C 78 -14.39 1.88 10.19
C VAL C 78 -14.59 0.39 10.40
N PHE C 79 -15.83 0.00 10.65
CA PHE C 79 -16.15 -1.38 11.02
C PHE C 79 -16.78 -2.16 9.88
N LEU C 80 -16.40 -3.42 9.82
CA LEU C 80 -17.07 -4.38 8.96
C LEU C 80 -17.73 -5.40 9.86
N LYS C 81 -18.88 -5.89 9.42
CA LYS C 81 -19.56 -6.98 10.10
C LYS C 81 -20.17 -7.92 9.09
N LEU C 82 -19.77 -9.18 9.19
CA LEU C 82 -20.25 -10.22 8.29
C LEU C 82 -21.07 -11.25 9.05
N ASN C 83 -22.19 -11.61 8.44
CA ASN C 83 -23.14 -12.56 9.02
C ASN C 83 -23.12 -13.91 8.36
N SER C 84 -23.72 -14.86 9.07
CA SER C 84 -23.93 -16.21 8.56
C SER C 84 -22.63 -16.75 8.01
N LEU C 85 -21.61 -16.75 8.85
CA LEU C 85 -20.29 -17.24 8.46
C LEU C 85 -20.33 -18.68 7.97
N GLN C 86 -19.98 -18.84 6.71
CA GLN C 86 -19.80 -20.16 6.09
C GLN C 86 -18.33 -20.33 5.77
N GLN C 87 -18.04 -21.26 4.89
CA GLN C 87 -16.66 -21.48 4.43
C GLN C 87 -16.37 -20.59 3.22
N GLU C 88 -15.10 -20.25 3.09
CA GLU C 88 -14.63 -19.23 2.14
C GLU C 88 -15.28 -17.87 2.40
N ASP C 89 -15.64 -17.66 3.66
CA ASP C 89 -15.63 -16.31 4.22
C ASP C 89 -14.22 -16.19 4.77
N THR C 90 -13.59 -17.36 4.79
CA THR C 90 -12.17 -17.49 5.07
C THR C 90 -11.41 -16.76 4.02
N ALA C 91 -10.74 -15.69 4.43
CA ALA C 91 -10.01 -14.84 3.50
C ALA C 91 -9.16 -13.82 4.21
N MET C 92 -8.28 -13.20 3.43
CA MET C 92 -7.59 -11.99 3.85
C MET C 92 -8.57 -10.83 3.69
N TYR C 93 -8.71 -10.05 4.74
CA TYR C 93 -9.57 -8.87 4.71
C TYR C 93 -8.77 -7.60 4.80
N PHE C 94 -8.92 -6.78 3.76
CA PHE C 94 -8.23 -5.51 3.63
C PHE C 94 -9.22 -4.37 3.67
N CYS C 95 -8.83 -3.31 4.35
CA CYS C 95 -9.52 -2.02 4.25
C CYS C 95 -8.61 -1.09 3.47
N ALA C 96 -9.21 -0.36 2.54
CA ALA C 96 -8.45 0.56 1.68
C ALA C 96 -9.13 1.92 1.55
N ARG C 97 -8.30 2.94 1.48
CA ARG C 97 -8.79 4.30 1.26
C ARG C 97 -9.22 4.51 -0.18
N HIS C 98 -10.30 5.26 -0.33
CA HIS C 98 -10.83 5.59 -1.64
C HIS C 98 -10.42 7.00 -2.02
N PHE C 99 -9.55 7.07 -3.02
CA PHE C 99 -9.13 8.33 -3.59
C PHE C 99 -9.67 8.40 -5.00
N TYR C 100 -10.42 9.46 -5.25
CA TYR C 100 -11.09 9.68 -6.54
C TYR C 100 -11.78 8.44 -7.08
N THR C 101 -11.06 7.67 -7.88
CA THR C 101 -11.67 6.53 -8.55
C THR C 101 -10.86 5.26 -8.35
N TYR C 102 -9.97 5.30 -7.36
CA TYR C 102 -9.13 4.15 -7.05
C TYR C 102 -8.76 4.02 -5.58
N PHE C 103 -8.00 2.98 -5.29
CA PHE C 103 -7.68 2.58 -3.93
C PHE C 103 -6.25 2.91 -3.61
N ASP C 104 -6.01 4.17 -3.23
CA ASP C 104 -4.64 4.68 -3.12
C ASP C 104 -3.86 4.01 -1.99
N VAL C 105 -4.50 3.89 -0.83
CA VAL C 105 -3.86 3.30 0.34
C VAL C 105 -4.61 2.08 0.90
N TRP C 106 -3.82 1.06 1.21
CA TRP C 106 -4.35 -0.22 1.70
C TRP C 106 -3.84 -0.56 3.09
N GLY C 107 -4.65 -1.35 3.78
CA GLY C 107 -4.27 -1.94 5.05
C GLY C 107 -3.32 -3.11 4.86
N GLN C 108 -2.68 -3.50 5.95
CA GLN C 108 -1.77 -4.66 5.95
C GLN C 108 -2.57 -5.93 5.69
N GLY C 109 -3.83 -5.88 6.05
CA GLY C 109 -4.76 -7.00 5.88
C GLY C 109 -4.87 -7.85 7.12
N ILE C 110 -5.93 -8.62 7.17
CA ILE C 110 -6.15 -9.54 8.28
C ILE C 110 -6.71 -10.87 7.82
N GLN C 111 -5.99 -11.93 8.16
CA GLN C 111 -6.41 -13.29 7.82
C GLN C 111 -7.48 -13.73 8.81
N VAL C 112 -8.56 -14.25 8.26
CA VAL C 112 -9.68 -14.74 9.07
C VAL C 112 -10.18 -16.09 8.64
N THR C 113 -9.80 -17.10 9.40
CA THR C 113 -10.23 -18.47 9.15
C THR C 113 -11.59 -18.72 9.78
N VAL C 114 -12.46 -19.33 9.00
CA VAL C 114 -13.75 -19.81 9.50
C VAL C 114 -13.76 -21.34 9.53
N SER C 115 -13.55 -21.89 10.72
CA SER C 115 -13.48 -23.34 10.89
C SER C 115 -14.14 -23.81 12.18
N SER C 116 -14.47 -25.09 12.18
CA SER C 116 -15.04 -25.75 13.35
C SER C 116 -13.96 -25.90 14.41
N ALA C 117 -12.76 -26.16 13.93
CA ALA C 117 -11.59 -26.42 14.79
C ALA C 117 -11.40 -25.36 15.87
N THR C 118 -11.12 -25.85 17.06
CA THR C 118 -10.75 -25.01 18.21
C THR C 118 -9.38 -24.38 17.97
N THR C 119 -9.17 -23.24 18.60
CA THR C 119 -7.88 -22.55 18.51
C THR C 119 -6.82 -23.29 19.28
N THR C 120 -5.64 -23.35 18.69
CA THR C 120 -4.48 -23.98 19.32
C THR C 120 -3.29 -23.05 19.36
N ALA C 121 -2.73 -22.91 20.55
CA ALA C 121 -1.56 -22.05 20.76
C ALA C 121 -0.28 -22.77 20.33
N PRO C 122 0.70 -22.01 19.84
CA PRO C 122 1.95 -22.66 19.47
C PRO C 122 2.83 -22.89 20.68
N SER C 123 3.64 -23.92 20.58
CA SER C 123 4.75 -24.10 21.51
C SER C 123 5.99 -23.56 20.83
N VAL C 124 6.69 -22.70 21.54
CA VAL C 124 7.88 -22.04 21.01
C VAL C 124 9.14 -22.68 21.58
N TYR C 125 9.92 -23.24 20.66
CA TYR C 125 11.16 -23.89 21.01
C TYR C 125 12.34 -23.19 20.33
N PRO C 126 13.44 -23.00 21.07
CA PRO C 126 14.59 -22.33 20.51
C PRO C 126 15.50 -23.29 19.76
N LEU C 127 16.25 -22.72 18.82
CA LEU C 127 17.18 -23.50 18.02
C LEU C 127 18.55 -22.86 18.03
N ALA C 128 19.52 -23.62 18.53
CA ALA C 128 20.90 -23.19 18.54
C ALA C 128 21.79 -24.25 17.92
N PRO C 129 22.93 -23.84 17.36
CA PRO C 129 23.89 -24.80 16.82
C PRO C 129 24.33 -25.83 17.85
N ALA C 130 24.76 -26.98 17.36
CA ALA C 130 25.26 -28.04 18.22
C ALA C 130 25.90 -29.19 17.44
N ASN C 139 33.53 -14.85 11.19
CA ASN C 139 32.54 -15.92 11.27
C ASN C 139 31.21 -15.38 11.75
N THR C 140 30.15 -16.09 11.36
CA THR C 140 28.79 -15.72 11.71
C THR C 140 27.97 -16.93 12.13
N VAL C 141 27.06 -16.71 13.06
CA VAL C 141 26.23 -17.77 13.62
C VAL C 141 24.75 -17.56 13.33
N THR C 142 24.09 -18.66 13.00
CA THR C 142 22.67 -18.66 12.69
C THR C 142 21.87 -19.31 13.80
N LEU C 143 20.96 -18.53 14.36
CA LEU C 143 20.08 -18.98 15.43
C LEU C 143 18.70 -19.22 14.86
N GLY C 144 17.82 -19.76 15.70
CA GLY C 144 16.52 -20.21 15.24
C GLY C 144 15.41 -20.27 16.28
N CYS C 145 14.20 -20.33 15.77
CA CYS C 145 12.98 -20.37 16.57
C CYS C 145 11.96 -21.30 15.93
N LEU C 146 11.49 -22.28 16.69
CA LEU C 146 10.53 -23.25 16.19
C LEU C 146 9.15 -23.03 16.80
N VAL C 147 8.29 -22.39 16.03
CA VAL C 147 6.92 -22.13 16.46
C VAL C 147 6.02 -23.26 15.99
N LYS C 148 5.75 -24.18 16.89
CA LYS C 148 5.15 -25.48 16.54
C LYS C 148 3.76 -25.70 17.10
N GLY C 149 2.87 -26.14 16.22
CA GLY C 149 1.57 -26.71 16.59
C GLY C 149 0.50 -25.70 16.94
N TYR C 150 0.28 -24.75 16.04
CA TYR C 150 -0.76 -23.73 16.23
C TYR C 150 -1.85 -23.77 15.18
N PHE C 151 -2.97 -23.17 15.54
CA PHE C 151 -4.09 -22.99 14.62
C PHE C 151 -5.02 -21.87 15.08
N PRO C 152 -5.40 -20.97 14.16
CA PRO C 152 -5.04 -20.98 12.74
C PRO C 152 -3.90 -20.05 12.43
N GLU C 153 -3.75 -19.73 11.15
CA GLU C 153 -2.80 -18.70 10.71
C GLU C 153 -3.37 -17.35 11.11
N PRO C 154 -2.51 -16.34 11.29
CA PRO C 154 -1.06 -16.29 11.16
C PRO C 154 -0.32 -16.36 12.48
N VAL C 155 1.00 -16.21 12.35
CA VAL C 155 1.92 -16.26 13.48
C VAL C 155 3.13 -15.38 13.25
N THR C 156 3.17 -14.26 13.97
CA THR C 156 4.26 -13.28 13.87
C THR C 156 5.54 -13.85 14.45
N VAL C 157 6.65 -13.30 13.99
CA VAL C 157 7.98 -13.71 14.47
C VAL C 157 9.02 -12.60 14.33
N SER C 158 9.20 -11.88 15.43
CA SER C 158 10.20 -10.82 15.50
C SER C 158 11.39 -11.27 16.32
N TRP C 159 12.49 -10.54 16.17
CA TRP C 159 13.68 -10.79 16.97
C TRP C 159 14.11 -9.53 17.67
N ASN C 160 14.03 -9.57 19.00
CA ASN C 160 14.32 -8.42 19.85
C ASN C 160 13.42 -7.25 19.52
N SER C 161 12.14 -7.57 19.35
CA SER C 161 11.09 -6.58 19.10
C SER C 161 11.31 -5.79 17.81
N GLY C 162 12.22 -6.29 16.99
CA GLY C 162 12.52 -5.68 15.69
C GLY C 162 13.84 -4.95 15.69
N ALA C 163 14.54 -5.05 16.81
CA ALA C 163 15.90 -4.48 16.91
C ALA C 163 16.79 -5.15 15.87
N LEU C 164 16.63 -6.46 15.75
CA LEU C 164 17.33 -7.23 14.72
C LEU C 164 16.62 -7.01 13.40
N THR C 165 17.13 -6.03 12.67
CA THR C 165 16.50 -5.51 11.45
C THR C 165 17.17 -6.07 10.21
N SER C 166 17.74 -7.25 10.35
CA SER C 166 18.46 -7.89 9.26
C SER C 166 18.83 -9.34 9.53
N GLY C 167 18.82 -10.12 8.47
CA GLY C 167 19.20 -11.53 8.52
C GLY C 167 18.03 -12.40 8.97
N VAL C 168 16.96 -11.73 9.36
CA VAL C 168 15.77 -12.42 9.87
C VAL C 168 14.96 -13.03 8.75
N HIS C 169 14.95 -14.37 8.74
CA HIS C 169 14.14 -15.13 7.82
C HIS C 169 12.99 -15.80 8.55
N THR C 170 11.82 -15.74 7.93
CA THR C 170 10.66 -16.48 8.43
C THR C 170 10.13 -17.38 7.32
N PHE C 171 10.27 -18.67 7.55
CA PHE C 171 9.99 -19.70 6.54
C PHE C 171 8.50 -20.02 6.48
N PRO C 172 8.07 -20.64 5.36
CA PRO C 172 6.65 -20.98 5.17
C PRO C 172 6.15 -21.95 6.20
N SER C 173 4.82 -22.02 6.31
CA SER C 173 4.17 -22.89 7.27
C SER C 173 3.80 -24.22 6.67
N VAL C 174 4.00 -25.25 7.47
CA VAL C 174 3.57 -26.60 7.14
C VAL C 174 2.28 -26.92 7.87
N LEU C 175 1.50 -27.79 7.27
CA LEU C 175 0.19 -28.17 7.79
C LEU C 175 0.08 -29.66 7.98
N HIS C 176 0.06 -30.08 9.24
CA HIS C 176 -0.10 -31.49 9.58
C HIS C 176 -0.98 -31.71 10.80
N SER C 177 -2.07 -32.42 10.58
CA SER C 177 -2.99 -32.83 11.63
C SER C 177 -3.83 -31.66 12.13
N GLY C 178 -4.04 -30.71 11.23
CA GLY C 178 -4.91 -29.56 11.50
C GLY C 178 -4.17 -28.46 12.22
N LEU C 179 -2.92 -28.75 12.53
CA LEU C 179 -2.02 -27.78 13.17
C LEU C 179 -0.98 -27.28 12.19
N TYR C 180 -0.62 -26.02 12.38
CA TYR C 180 0.45 -25.38 11.58
C TYR C 180 1.74 -25.30 12.36
N SER C 181 2.84 -25.37 11.61
CA SER C 181 4.18 -25.27 12.18
C SER C 181 5.07 -24.36 11.37
N LEU C 182 5.78 -23.51 12.06
CA LEU C 182 6.64 -22.52 11.43
C LEU C 182 7.98 -22.37 12.15
N SER C 183 9.02 -22.21 11.35
CA SER C 183 10.35 -21.92 11.87
C SER C 183 10.88 -20.60 11.31
N SER C 184 11.68 -19.94 12.13
CA SER C 184 12.29 -18.65 11.78
C SER C 184 13.72 -18.56 12.27
N SER C 185 14.57 -17.99 11.43
CA SER C 185 16.00 -17.90 11.73
C SER C 185 16.53 -16.49 11.75
N VAL C 186 17.76 -16.40 12.24
CA VAL C 186 18.51 -15.15 12.31
C VAL C 186 20.01 -15.36 12.44
N THR C 187 20.74 -14.66 11.58
CA THR C 187 22.19 -14.76 11.54
C THR C 187 22.83 -13.50 12.10
N VAL C 188 23.83 -13.72 12.94
CA VAL C 188 24.55 -12.62 13.58
C VAL C 188 26.04 -12.94 13.69
N PRO C 189 26.89 -11.90 13.77
CA PRO C 189 28.33 -12.13 13.72
C PRO C 189 28.85 -12.83 14.95
N SER C 190 29.98 -13.50 14.78
CA SER C 190 30.68 -14.16 15.88
C SER C 190 30.97 -13.14 16.98
N SER C 191 30.82 -13.59 18.20
CA SER C 191 31.10 -12.78 19.39
C SER C 191 30.05 -11.70 19.59
N THR C 192 28.83 -12.01 19.14
CA THR C 192 27.67 -11.15 19.40
C THR C 192 26.63 -11.91 20.20
N TRP C 193 26.20 -13.04 19.65
CA TRP C 193 25.22 -13.91 20.30
C TRP C 193 25.65 -14.39 21.70
N PRO C 194 26.87 -14.88 21.83
CA PRO C 194 27.33 -15.26 23.17
C PRO C 194 27.31 -14.05 24.09
N SER C 195 27.94 -12.98 23.60
CA SER C 195 28.12 -11.77 24.39
C SER C 195 26.79 -11.10 24.72
N GLN C 196 25.97 -10.96 23.69
CA GLN C 196 24.69 -10.26 23.79
C GLN C 196 23.55 -11.22 23.54
N THR C 197 22.54 -11.15 24.39
CA THR C 197 21.42 -12.10 24.36
C THR C 197 20.42 -11.78 23.26
N VAL C 198 20.27 -12.73 22.36
CA VAL C 198 19.23 -12.68 21.32
C VAL C 198 17.94 -13.23 21.88
N THR C 199 16.84 -12.71 21.37
CA THR C 199 15.51 -13.14 21.79
C THR C 199 14.58 -13.37 20.61
N CYS C 200 13.75 -14.38 20.76
CA CYS C 200 12.69 -14.68 19.80
C CYS C 200 11.39 -14.09 20.31
N ASN C 201 10.58 -13.58 19.39
CA ASN C 201 9.35 -12.91 19.75
C ASN C 201 8.19 -13.37 18.88
N VAL C 202 7.60 -14.48 19.28
CA VAL C 202 6.47 -15.07 18.55
C VAL C 202 5.18 -14.52 19.11
N ALA C 203 4.21 -14.38 18.22
CA ALA C 203 2.89 -13.90 18.59
C ALA C 203 1.80 -14.55 17.75
N HIS C 204 0.74 -14.98 18.44
CA HIS C 204 -0.38 -15.66 17.79
C HIS C 204 -1.68 -14.92 18.09
N PRO C 205 -2.08 -14.04 17.18
CA PRO C 205 -3.22 -13.14 17.32
C PRO C 205 -4.43 -13.90 17.83
N ALA C 206 -4.65 -15.04 17.20
CA ALA C 206 -5.82 -15.90 17.48
C ALA C 206 -6.03 -16.16 18.96
N SER C 207 -5.14 -16.98 19.52
CA SER C 207 -5.27 -17.45 20.91
C SER C 207 -4.92 -16.36 21.90
N SER C 208 -4.42 -15.26 21.35
CA SER C 208 -4.01 -14.11 22.16
C SER C 208 -2.75 -14.44 22.94
N THR C 209 -1.94 -15.30 22.35
CA THR C 209 -0.64 -15.68 22.91
C THR C 209 0.52 -14.88 22.34
N LYS C 210 1.41 -14.49 23.24
CA LYS C 210 2.70 -13.89 22.89
C LYS C 210 3.79 -14.59 23.68
N VAL C 211 4.93 -14.81 23.04
CA VAL C 211 6.01 -15.55 23.66
C VAL C 211 7.41 -15.05 23.30
N ASP C 212 8.09 -14.57 24.32
CA ASP C 212 9.47 -14.12 24.19
C ASP C 212 10.39 -15.21 24.70
N LYS C 213 11.00 -15.92 23.75
CA LYS C 213 11.83 -17.07 24.08
C LYS C 213 13.29 -16.82 23.74
N LYS C 214 14.05 -16.49 24.78
CA LYS C 214 15.48 -16.23 24.64
C LYS C 214 16.23 -17.49 24.26
N ILE C 215 16.97 -17.39 23.17
CA ILE C 215 17.72 -18.53 22.63
C ILE C 215 19.00 -18.76 23.42
N VAL C 216 18.92 -19.71 24.33
CA VAL C 216 20.07 -20.11 25.15
C VAL C 216 20.99 -21.00 24.32
N PRO C 217 22.29 -20.99 24.63
CA PRO C 217 23.21 -21.89 23.92
C PRO C 217 22.94 -23.34 24.24
N GLY C 218 23.35 -24.22 23.32
CA GLY C 218 23.17 -25.66 23.48
C GLY C 218 24.02 -26.51 22.55
C1 NAG D . 9.58 15.43 20.07
C2 NAG D . 10.71 14.47 20.46
C3 NAG D . 11.59 14.16 19.24
C4 NAG D . 10.73 13.66 18.09
C5 NAG D . 9.56 14.62 17.86
C6 NAG D . 8.62 14.09 16.79
C7 NAG D . 11.65 14.45 22.73
C8 NAG D . 12.47 15.22 23.73
N2 NAG D . 11.47 15.05 21.55
O3 NAG D . 12.53 13.16 19.59
O4 NAG D . 11.49 13.59 16.89
O5 NAG D . 8.82 14.81 19.06
O6 NAG D . 8.21 12.80 17.17
O7 NAG D . 11.20 13.34 23.02
C1 NAG D . 11.95 12.24 16.62
C2 NAG D . 12.32 12.28 15.13
C3 NAG D . 12.81 10.93 14.67
C4 NAG D . 13.94 10.45 15.56
C5 NAG D . 13.47 10.49 17.01
C6 NAG D . 14.58 10.05 17.96
C7 NAG D . 10.93 13.95 13.98
C8 NAG D . 11.92 15.02 14.39
N2 NAG D . 11.18 12.69 14.34
O3 NAG D . 13.33 11.02 13.37
O4 NAG D . 14.28 9.16 15.13
O5 NAG D . 13.06 11.79 17.36
O6 NAG D . 14.00 9.79 19.21
O7 NAG D . 9.94 14.26 13.32
C1 BMA D . 15.63 9.12 14.62
C2 BMA D . 16.13 7.69 14.57
C3 BMA D . 17.62 7.67 14.25
C4 BMA D . 17.95 8.58 13.08
C5 BMA D . 17.16 9.88 13.08
C6 BMA D . 17.35 10.54 11.73
O2 BMA D . 15.44 6.95 13.58
O3 BMA D . 18.04 6.38 13.89
O4 BMA D . 19.33 8.87 13.12
O5 BMA D . 15.79 9.67 13.34
O6 BMA D . 17.24 11.94 11.83
C1 MAN D . 19.29 6.11 14.54
C2 MAN D . 19.99 4.98 13.81
C3 MAN D . 19.15 3.71 13.92
C4 MAN D . 18.66 3.47 15.35
C5 MAN D . 18.07 4.77 15.91
C6 MAN D . 17.59 4.62 17.34
O2 MAN D . 21.26 4.77 14.38
O3 MAN D . 19.91 2.60 13.49
O4 MAN D . 17.69 2.45 15.36
O5 MAN D . 19.08 5.75 15.87
O6 MAN D . 16.51 5.50 17.53
C1 MAN D . 17.09 12.46 10.49
C2 MAN D . 17.21 13.97 10.53
C3 MAN D . 16.05 14.58 11.31
C4 MAN D . 14.69 14.02 10.89
C5 MAN D . 14.73 12.52 10.65
C6 MAN D . 13.47 12.06 9.92
O2 MAN D . 17.22 14.50 9.23
O3 MAN D . 16.08 15.98 11.13
O4 MAN D . 13.73 14.28 11.88
O5 MAN D . 15.86 12.13 9.89
O6 MAN D . 13.68 10.77 9.40
C1 FUC D . 7.55 12.12 16.07
C2 FUC D . 7.06 10.78 16.62
C3 FUC D . 5.90 10.99 17.59
C4 FUC D . 4.82 11.86 16.96
C5 FUC D . 5.44 13.15 16.41
C6 FUC D . 4.38 13.99 15.70
O2 FUC D . 8.13 10.18 17.31
O3 FUC D . 5.35 9.73 17.93
O4 FUC D . 4.20 11.15 15.90
O5 FUC D . 6.48 12.83 15.50
C1 NAG E . -10.46 23.03 16.10
C2 NAG E . -11.62 22.39 16.82
C3 NAG E . -12.19 21.30 15.93
C4 NAG E . -12.59 21.93 14.61
C5 NAG E . -11.49 22.85 14.04
C6 NAG E . -12.01 23.64 12.85
C7 NAG E . -11.61 22.14 19.28
C8 NAG E . -12.83 23.01 19.41
N2 NAG E . -11.10 21.88 18.07
O3 NAG E . -13.29 20.70 16.57
O4 NAG E . -12.88 20.93 13.66
O5 NAG E . -10.99 23.75 15.01
O6 NAG E . -11.18 23.40 11.73
O7 NAG E . -11.08 21.67 20.28
C1 NAG F . -10.64 37.29 1.09
C2 NAG F . -11.02 36.77 -0.30
C3 NAG F . -12.12 37.65 -0.90
C4 NAG F . -13.23 37.87 0.13
C5 NAG F . -12.65 38.15 1.52
C6 NAG F . -13.78 38.24 2.54
C7 NAG F . -8.97 35.80 -1.24
C8 NAG F . -7.92 35.93 -2.30
N2 NAG F . -9.92 36.73 -1.25
O3 NAG F . -12.64 37.04 -2.04
O4 NAG F . -14.04 38.95 -0.26
O5 NAG F . -11.78 37.09 1.87
O6 NAG F . -14.55 39.39 2.28
O7 NAG F . -8.92 34.87 -0.43
#